data_1AGT
#
_entry.id   1AGT
#
_cell.length_a   1.000
_cell.length_b   1.000
_cell.length_c   1.000
_cell.angle_alpha   90.00
_cell.angle_beta   90.00
_cell.angle_gamma   90.00
#
_symmetry.space_group_name_H-M   'P 1'
#
_entity_poly.entity_id   1
_entity_poly.type   'polypeptide(L)'
_entity_poly.pdbx_seq_one_letter_code
;GVPINVSCTGSPQCIKPCKDAGMRFGKCMNRKCHCTPK
;
_entity_poly.pdbx_strand_id   A
#
# COMPACT_ATOMS: atom_id res chain seq x y z
N GLY A 1 2.83 -2.43 -8.16
CA GLY A 1 4.03 -3.23 -7.93
C GLY A 1 3.70 -4.60 -7.31
N VAL A 2 3.59 -4.66 -5.98
CA VAL A 2 3.24 -5.90 -5.23
C VAL A 2 1.85 -5.59 -4.55
N PRO A 3 0.67 -6.12 -5.02
CA PRO A 3 -0.63 -5.90 -4.36
C PRO A 3 -0.75 -6.61 -2.97
N ILE A 4 -0.96 -5.81 -1.91
CA ILE A 4 -1.21 -6.34 -0.53
C ILE A 4 -2.72 -6.14 -0.20
N ASN A 5 -3.32 -7.12 0.50
CA ASN A 5 -4.78 -7.09 0.85
C ASN A 5 -5.02 -6.22 2.13
N VAL A 6 -5.26 -4.92 1.90
CA VAL A 6 -5.45 -3.91 2.98
C VAL A 6 -6.55 -2.95 2.42
N SER A 7 -7.71 -2.88 3.13
CA SER A 7 -8.88 -2.12 2.67
C SER A 7 -8.73 -0.59 2.94
N CYS A 8 -8.73 0.20 1.84
CA CYS A 8 -8.47 1.67 1.92
C CYS A 8 -9.73 2.56 1.84
N THR A 9 -9.55 3.77 2.41
CA THR A 9 -10.49 4.92 2.26
C THR A 9 -9.83 5.95 1.25
N GLY A 10 -8.50 6.21 1.34
CA GLY A 10 -7.73 6.98 0.34
C GLY A 10 -6.27 6.43 0.19
N SER A 11 -5.42 7.23 -0.48
CA SER A 11 -3.98 6.89 -0.68
C SER A 11 -3.09 6.89 0.61
N PRO A 12 -3.14 7.82 1.62
CA PRO A 12 -2.35 7.72 2.89
C PRO A 12 -2.44 6.45 3.77
N GLN A 13 -3.54 5.66 3.67
CA GLN A 13 -3.71 4.37 4.42
C GLN A 13 -2.61 3.28 4.17
N CYS A 14 -2.16 3.09 2.92
CA CYS A 14 -1.15 2.07 2.56
C CYS A 14 0.35 2.39 2.89
N ILE A 15 0.73 3.62 3.30
CA ILE A 15 2.14 4.03 3.57
C ILE A 15 2.82 3.16 4.69
N LYS A 16 2.22 3.07 5.90
CA LYS A 16 2.75 2.23 7.01
C LYS A 16 2.62 0.68 6.71
N PRO A 17 1.49 0.03 6.31
CA PRO A 17 1.47 -1.39 5.86
C PRO A 17 2.51 -1.85 4.78
N CYS A 18 2.76 -1.04 3.73
CA CYS A 18 3.87 -1.25 2.77
C CYS A 18 5.29 -1.20 3.41
N LYS A 19 5.62 -0.14 4.18
CA LYS A 19 6.90 -0.01 4.93
C LYS A 19 7.19 -1.15 5.96
N ASP A 20 6.22 -1.50 6.82
CA ASP A 20 6.32 -2.64 7.78
C ASP A 20 6.48 -4.06 7.11
N ALA A 21 5.82 -4.34 5.96
CA ALA A 21 6.05 -5.58 5.18
C ALA A 21 7.48 -5.67 4.55
N GLY A 22 7.92 -4.64 3.81
CA GLY A 22 9.28 -4.57 3.22
C GLY A 22 9.31 -3.83 1.86
N MET A 23 8.76 -2.60 1.80
CA MET A 23 8.59 -1.83 0.55
C MET A 23 8.86 -0.31 0.82
N ARG A 24 9.02 0.46 -0.28
CA ARG A 24 9.30 1.92 -0.22
C ARG A 24 7.99 2.75 -0.02
N PHE A 25 7.04 2.71 -0.97
CA PHE A 25 5.84 3.59 -0.99
C PHE A 25 4.54 2.75 -0.91
N GLY A 26 3.42 3.43 -0.62
CA GLY A 26 2.09 2.82 -0.57
C GLY A 26 1.06 3.70 -1.29
N LYS A 27 0.82 3.40 -2.58
CA LYS A 27 -0.20 4.10 -3.41
C LYS A 27 -1.44 3.18 -3.49
N CYS A 28 -2.58 3.67 -3.00
CA CYS A 28 -3.82 2.85 -2.93
C CYS A 28 -4.80 3.15 -4.09
N MET A 29 -5.22 2.08 -4.79
CA MET A 29 -6.33 2.14 -5.78
C MET A 29 -7.69 2.02 -5.01
N ASN A 30 -8.82 1.90 -5.74
CA ASN A 30 -10.19 1.93 -5.14
C ASN A 30 -10.44 0.74 -4.16
N ARG A 31 -10.33 1.07 -2.85
CA ARG A 31 -10.40 0.10 -1.72
C ARG A 31 -9.24 -0.95 -1.59
N LYS A 32 -8.13 -0.93 -2.38
CA LYS A 32 -7.09 -2.00 -2.32
C LYS A 32 -5.67 -1.38 -2.48
N CYS A 33 -4.77 -1.69 -1.53
CA CYS A 33 -3.37 -1.22 -1.52
C CYS A 33 -2.46 -1.81 -2.64
N HIS A 34 -1.55 -0.97 -3.19
CA HIS A 34 -0.52 -1.41 -4.16
C HIS A 34 0.83 -0.78 -3.71
N CYS A 35 1.74 -1.63 -3.21
CA CYS A 35 3.09 -1.17 -2.73
C CYS A 35 4.13 -1.06 -3.89
N THR A 36 5.15 -0.20 -3.68
CA THR A 36 6.28 -0.05 -4.63
C THR A 36 7.49 -0.85 -4.01
N PRO A 37 7.92 -2.05 -4.49
CA PRO A 37 8.95 -2.88 -3.81
C PRO A 37 10.38 -2.27 -3.71
N LYS A 38 11.06 -2.59 -2.59
CA LYS A 38 12.39 -2.05 -2.25
C LYS A 38 13.50 -2.92 -2.88
N GLY A 1 4.00 -1.89 -8.23
CA GLY A 1 2.63 -2.32 -7.93
C GLY A 1 2.59 -3.79 -7.48
N VAL A 2 2.56 -4.01 -6.15
CA VAL A 2 2.55 -5.37 -5.54
C VAL A 2 1.22 -5.42 -4.70
N PRO A 3 0.14 -6.16 -5.09
CA PRO A 3 -1.14 -6.22 -4.33
C PRO A 3 -1.00 -6.84 -2.91
N ILE A 4 -1.29 -6.02 -1.88
CA ILE A 4 -1.40 -6.50 -0.46
C ILE A 4 -2.89 -6.33 -0.02
N ASN A 5 -3.39 -7.29 0.79
CA ASN A 5 -4.80 -7.31 1.24
C ASN A 5 -5.06 -6.33 2.43
N VAL A 6 -5.29 -5.05 2.08
CA VAL A 6 -5.50 -3.94 3.05
C VAL A 6 -6.56 -3.03 2.36
N SER A 7 -7.75 -2.94 2.98
CA SER A 7 -8.88 -2.13 2.45
C SER A 7 -8.70 -0.62 2.76
N CYS A 8 -8.63 0.21 1.70
CA CYS A 8 -8.28 1.65 1.83
C CYS A 8 -9.49 2.61 2.03
N THR A 9 -9.16 3.75 2.65
CA THR A 9 -10.05 4.94 2.74
C THR A 9 -9.10 6.15 2.43
N GLY A 10 -8.67 6.26 1.16
CA GLY A 10 -7.61 7.20 0.73
C GLY A 10 -6.22 6.52 0.56
N SER A 11 -5.37 7.14 -0.27
CA SER A 11 -3.95 6.70 -0.48
C SER A 11 -3.01 6.78 0.78
N PRO A 12 -3.01 7.79 1.71
CA PRO A 12 -2.24 7.73 2.98
C PRO A 12 -2.38 6.50 3.94
N GLN A 13 -3.52 5.78 3.89
CA GLN A 13 -3.74 4.51 4.64
C GLN A 13 -2.74 3.35 4.31
N CYS A 14 -2.37 3.14 3.03
CA CYS A 14 -1.38 2.13 2.61
C CYS A 14 0.13 2.40 2.92
N ILE A 15 0.55 3.64 3.27
CA ILE A 15 1.97 4.03 3.51
C ILE A 15 2.67 3.16 4.61
N LYS A 16 2.13 3.10 5.86
CA LYS A 16 2.70 2.25 6.94
C LYS A 16 2.59 0.71 6.66
N PRO A 17 1.44 0.04 6.30
CA PRO A 17 1.43 -1.39 5.85
C PRO A 17 2.49 -1.85 4.80
N CYS A 18 2.68 -1.06 3.71
CA CYS A 18 3.79 -1.25 2.75
C CYS A 18 5.23 -1.15 3.37
N LYS A 19 5.51 -0.09 4.17
CA LYS A 19 6.83 0.10 4.84
C LYS A 19 7.21 -1.01 5.86
N ASP A 20 6.31 -1.38 6.80
CA ASP A 20 6.53 -2.52 7.74
C ASP A 20 6.61 -3.94 7.09
N ALA A 21 5.92 -4.21 5.96
CA ALA A 21 6.10 -5.47 5.19
C ALA A 21 7.50 -5.59 4.52
N GLY A 22 7.91 -4.61 3.70
CA GLY A 22 9.26 -4.56 3.10
C GLY A 22 9.30 -3.80 1.75
N MET A 23 8.76 -2.57 1.72
CA MET A 23 8.62 -1.76 0.48
C MET A 23 8.87 -0.24 0.79
N ARG A 24 9.01 0.56 -0.28
CA ARG A 24 9.25 2.03 -0.18
C ARG A 24 7.92 2.82 0.05
N PHE A 25 6.98 2.79 -0.92
CA PHE A 25 5.76 3.62 -0.91
C PHE A 25 4.49 2.71 -0.83
N GLY A 26 3.36 3.34 -0.48
CA GLY A 26 2.04 2.68 -0.45
C GLY A 26 1.00 3.57 -1.15
N LYS A 27 0.77 3.28 -2.44
CA LYS A 27 -0.17 4.06 -3.29
C LYS A 27 -1.41 3.16 -3.56
N CYS A 28 -2.59 3.66 -3.19
CA CYS A 28 -3.83 2.84 -3.22
C CYS A 28 -4.74 3.13 -4.44
N MET A 29 -5.18 2.04 -5.09
CA MET A 29 -6.24 2.09 -6.14
C MET A 29 -7.64 1.93 -5.43
N ASN A 30 -8.72 1.61 -6.19
CA ASN A 30 -10.13 1.61 -5.67
C ASN A 30 -10.33 0.55 -4.55
N ARG A 31 -10.30 1.05 -3.29
CA ARG A 31 -10.32 0.23 -2.04
C ARG A 31 -9.16 -0.81 -1.84
N LYS A 32 -8.03 -0.77 -2.59
CA LYS A 32 -7.00 -1.86 -2.58
C LYS A 32 -5.57 -1.27 -2.60
N CYS A 33 -4.75 -1.60 -1.58
CA CYS A 33 -3.34 -1.15 -1.48
C CYS A 33 -2.38 -1.80 -2.52
N HIS A 34 -1.52 -0.98 -3.14
CA HIS A 34 -0.48 -1.46 -4.10
C HIS A 34 0.87 -0.81 -3.71
N CYS A 35 1.81 -1.63 -3.24
CA CYS A 35 3.14 -1.17 -2.75
C CYS A 35 4.19 -1.02 -3.89
N THR A 36 5.15 -0.10 -3.71
CA THR A 36 6.29 0.10 -4.65
C THR A 36 7.52 -0.66 -4.05
N PRO A 37 8.02 -1.83 -4.56
CA PRO A 37 9.05 -2.65 -3.88
C PRO A 37 10.46 -2.03 -3.79
N LYS A 38 11.15 -2.34 -2.68
CA LYS A 38 12.48 -1.78 -2.35
C LYS A 38 13.60 -2.63 -2.97
N GLY A 1 2.89 -0.39 -6.90
CA GLY A 1 3.44 -1.47 -7.74
C GLY A 1 2.64 -2.77 -7.61
N VAL A 2 3.16 -3.72 -6.81
CA VAL A 2 2.53 -5.06 -6.61
C VAL A 2 1.35 -4.99 -5.57
N PRO A 3 0.17 -5.68 -5.77
CA PRO A 3 -0.98 -5.59 -4.83
C PRO A 3 -0.80 -6.37 -3.50
N ILE A 4 -1.14 -5.70 -2.38
CA ILE A 4 -1.25 -6.34 -1.03
C ILE A 4 -2.74 -6.16 -0.58
N ASN A 5 -3.30 -7.19 0.10
CA ASN A 5 -4.72 -7.19 0.54
C ASN A 5 -4.90 -6.37 1.86
N VAL A 6 -5.15 -5.06 1.71
CA VAL A 6 -5.30 -4.10 2.84
C VAL A 6 -6.41 -3.11 2.36
N SER A 7 -7.52 -3.04 3.12
CA SER A 7 -8.70 -2.20 2.75
C SER A 7 -8.44 -0.69 3.02
N CYS A 8 -8.52 0.13 1.96
CA CYS A 8 -8.18 1.58 2.02
C CYS A 8 -9.40 2.53 2.19
N THR A 9 -9.08 3.70 2.78
CA THR A 9 -9.99 4.87 2.85
C THR A 9 -9.08 6.10 2.47
N GLY A 10 -8.68 6.18 1.18
CA GLY A 10 -7.65 7.13 0.70
C GLY A 10 -6.26 6.48 0.47
N SER A 11 -5.44 7.14 -0.38
CA SER A 11 -4.04 6.73 -0.65
C SER A 11 -3.04 6.84 0.56
N PRO A 12 -3.01 7.88 1.46
CA PRO A 12 -2.17 7.86 2.71
C PRO A 12 -2.29 6.67 3.71
N GLN A 13 -3.41 5.92 3.69
CA GLN A 13 -3.61 4.68 4.51
C GLN A 13 -2.60 3.52 4.23
N CYS A 14 -2.19 3.29 2.96
CA CYS A 14 -1.19 2.24 2.61
C CYS A 14 0.31 2.52 2.93
N ILE A 15 0.71 3.75 3.36
CA ILE A 15 2.14 4.11 3.65
C ILE A 15 2.77 3.24 4.80
N LYS A 16 2.15 3.17 5.99
CA LYS A 16 2.63 2.29 7.10
C LYS A 16 2.52 0.76 6.76
N PRO A 17 1.41 0.12 6.29
CA PRO A 17 1.42 -1.28 5.78
C PRO A 17 2.52 -1.70 4.75
N CYS A 18 2.85 -0.83 3.77
CA CYS A 18 4.00 -1.03 2.84
C CYS A 18 5.38 -1.07 3.56
N LYS A 19 5.74 -0.05 4.36
CA LYS A 19 7.00 -0.02 5.16
C LYS A 19 7.14 -1.17 6.21
N ASP A 20 6.08 -1.44 7.00
CA ASP A 20 6.01 -2.58 7.96
C ASP A 20 6.23 -4.00 7.32
N ALA A 21 5.66 -4.30 6.14
CA ALA A 21 5.98 -5.52 5.36
C ALA A 21 7.45 -5.59 4.83
N GLY A 22 7.93 -4.52 4.17
CA GLY A 22 9.30 -4.41 3.63
C GLY A 22 9.32 -3.84 2.19
N MET A 23 8.73 -2.65 2.00
CA MET A 23 8.50 -2.03 0.66
C MET A 23 8.59 -0.48 0.78
N ARG A 24 8.78 0.19 -0.37
CA ARG A 24 9.09 1.65 -0.43
C ARG A 24 7.83 2.54 -0.24
N PHE A 25 6.92 2.59 -1.24
CA PHE A 25 5.78 3.55 -1.27
C PHE A 25 4.44 2.79 -1.07
N GLY A 26 3.37 3.58 -0.79
CA GLY A 26 2.01 3.05 -0.60
C GLY A 26 0.98 3.90 -1.36
N LYS A 27 0.72 3.54 -2.62
CA LYS A 27 -0.28 4.20 -3.49
C LYS A 27 -1.49 3.23 -3.60
N CYS A 28 -2.67 3.66 -3.13
CA CYS A 28 -3.86 2.79 -3.10
C CYS A 28 -4.80 3.02 -4.30
N MET A 29 -5.21 1.91 -4.94
CA MET A 29 -6.29 1.90 -5.96
C MET A 29 -7.67 1.72 -5.23
N ASN A 30 -8.77 1.42 -5.96
CA ASN A 30 -10.16 1.43 -5.42
C ASN A 30 -10.37 0.40 -4.28
N ARG A 31 -10.33 0.91 -3.04
CA ARG A 31 -10.35 0.11 -1.77
C ARG A 31 -9.20 -0.95 -1.56
N LYS A 32 -8.09 -0.97 -2.34
CA LYS A 32 -7.05 -2.04 -2.25
C LYS A 32 -5.64 -1.43 -2.46
N CYS A 33 -4.73 -1.66 -1.49
CA CYS A 33 -3.34 -1.13 -1.51
C CYS A 33 -2.44 -1.72 -2.64
N HIS A 34 -1.59 -0.86 -3.23
CA HIS A 34 -0.52 -1.30 -4.17
C HIS A 34 0.81 -0.70 -3.63
N CYS A 35 1.64 -1.58 -3.04
CA CYS A 35 2.97 -1.21 -2.51
C CYS A 35 4.07 -1.34 -3.58
N THR A 36 4.98 -0.35 -3.66
CA THR A 36 6.11 -0.36 -4.65
C THR A 36 7.27 -1.22 -4.03
N PRO A 37 7.70 -2.39 -4.59
CA PRO A 37 8.64 -3.31 -3.89
C PRO A 37 10.11 -2.80 -3.82
N LYS A 38 10.74 -3.00 -2.64
CA LYS A 38 12.13 -2.56 -2.38
C LYS A 38 13.12 -3.65 -2.86
N GLY A 1 3.38 -2.06 -8.74
CA GLY A 1 2.19 -2.22 -7.90
C GLY A 1 2.02 -3.68 -7.45
N VAL A 2 2.40 -3.97 -6.19
CA VAL A 2 2.32 -5.33 -5.59
C VAL A 2 1.01 -5.34 -4.72
N PRO A 3 -0.08 -6.11 -5.03
CA PRO A 3 -1.35 -6.05 -4.27
C PRO A 3 -1.26 -6.77 -2.88
N ILE A 4 -1.26 -5.95 -1.81
CA ILE A 4 -1.36 -6.44 -0.41
C ILE A 4 -2.85 -6.29 0.06
N ASN A 5 -3.30 -7.22 0.92
CA ASN A 5 -4.72 -7.27 1.40
C ASN A 5 -4.95 -6.24 2.56
N VAL A 6 -5.25 -4.99 2.17
CA VAL A 6 -5.45 -3.84 3.09
C VAL A 6 -6.54 -2.98 2.39
N SER A 7 -7.72 -2.88 3.03
CA SER A 7 -8.87 -2.12 2.48
C SER A 7 -8.73 -0.59 2.74
N CYS A 8 -8.69 0.21 1.66
CA CYS A 8 -8.40 1.66 1.76
C CYS A 8 -9.65 2.59 1.82
N THR A 9 -9.40 3.76 2.44
CA THR A 9 -10.34 4.92 2.42
C THR A 9 -9.50 6.20 2.01
N GLY A 10 -8.71 6.10 0.91
CA GLY A 10 -7.70 7.11 0.51
C GLY A 10 -6.28 6.51 0.38
N SER A 11 -5.39 7.26 -0.31
CA SER A 11 -3.96 6.86 -0.49
C SER A 11 -3.07 6.84 0.80
N PRO A 12 -3.10 7.78 1.80
CA PRO A 12 -2.30 7.67 3.07
C PRO A 12 -2.42 6.38 3.95
N GLN A 13 -3.54 5.63 3.86
CA GLN A 13 -3.76 4.34 4.56
C GLN A 13 -2.72 3.21 4.25
N CYS A 14 -2.28 3.07 2.98
CA CYS A 14 -1.26 2.07 2.57
C CYS A 14 0.25 2.37 2.93
N ILE A 15 0.62 3.59 3.37
CA ILE A 15 2.03 3.99 3.66
C ILE A 15 2.71 3.10 4.75
N LYS A 16 2.17 3.01 5.98
CA LYS A 16 2.73 2.17 7.06
C LYS A 16 2.62 0.62 6.79
N PRO A 17 1.50 -0.03 6.33
CA PRO A 17 1.51 -1.46 5.89
C PRO A 17 2.56 -1.89 4.82
N CYS A 18 2.78 -1.06 3.76
CA CYS A 18 3.89 -1.23 2.79
C CYS A 18 5.30 -1.18 3.44
N LYS A 19 5.63 -0.13 4.23
CA LYS A 19 6.89 -0.02 5.01
C LYS A 19 7.18 -1.19 6.01
N ASP A 20 6.18 -1.57 6.83
CA ASP A 20 6.26 -2.73 7.76
C ASP A 20 6.54 -4.12 7.08
N ALA A 21 5.91 -4.40 5.91
CA ALA A 21 6.24 -5.61 5.09
C ALA A 21 7.70 -5.62 4.53
N GLY A 22 8.12 -4.53 3.87
CA GLY A 22 9.47 -4.37 3.28
C GLY A 22 9.41 -3.70 1.88
N MET A 23 8.83 -2.49 1.81
CA MET A 23 8.53 -1.78 0.54
C MET A 23 8.73 -0.24 0.74
N ARG A 24 8.95 0.47 -0.37
CA ARG A 24 9.20 1.94 -0.36
C ARG A 24 7.88 2.75 -0.22
N PHE A 25 7.05 2.85 -1.28
CA PHE A 25 5.80 3.67 -1.27
C PHE A 25 4.55 2.79 -1.00
N GLY A 26 3.47 3.45 -0.60
CA GLY A 26 2.14 2.83 -0.45
C GLY A 26 1.08 3.69 -1.15
N LYS A 27 0.80 3.36 -2.43
CA LYS A 27 -0.13 4.13 -3.28
C LYS A 27 -1.38 3.24 -3.51
N CYS A 28 -2.56 3.74 -3.10
CA CYS A 28 -3.78 2.91 -3.09
C CYS A 28 -4.70 3.15 -4.32
N MET A 29 -5.09 2.04 -4.96
CA MET A 29 -6.15 2.03 -6.02
C MET A 29 -7.55 1.92 -5.32
N ASN A 30 -8.63 1.63 -6.09
CA ASN A 30 -10.04 1.67 -5.58
C ASN A 30 -10.30 0.59 -4.49
N ARG A 31 -10.28 1.06 -3.21
CA ARG A 31 -10.32 0.21 -1.99
C ARG A 31 -9.17 -0.85 -1.79
N LYS A 32 -8.02 -0.79 -2.53
CA LYS A 32 -7.01 -1.89 -2.54
C LYS A 32 -5.58 -1.29 -2.58
N CYS A 33 -4.75 -1.63 -1.58
CA CYS A 33 -3.34 -1.14 -1.50
C CYS A 33 -2.39 -1.76 -2.56
N HIS A 34 -1.56 -0.92 -3.21
CA HIS A 34 -0.52 -1.37 -4.16
C HIS A 34 0.83 -0.72 -3.75
N CYS A 35 1.76 -1.55 -3.24
CA CYS A 35 3.09 -1.09 -2.79
C CYS A 35 4.11 -1.00 -3.97
N THR A 36 5.09 -0.08 -3.84
CA THR A 36 6.23 0.03 -4.80
C THR A 36 7.48 -0.54 -4.04
N PRO A 37 8.10 -1.70 -4.38
CA PRO A 37 9.25 -2.27 -3.62
C PRO A 37 10.53 -1.38 -3.51
N LYS A 38 11.26 -1.56 -2.39
CA LYS A 38 12.54 -0.85 -2.13
C LYS A 38 13.73 -1.58 -2.78
N GLY A 1 2.72 -0.64 -6.92
CA GLY A 1 3.26 -1.74 -7.75
C GLY A 1 2.51 -3.06 -7.49
N VAL A 2 3.14 -3.95 -6.71
CA VAL A 2 2.59 -5.31 -6.42
C VAL A 2 1.40 -5.25 -5.39
N PRO A 3 0.22 -5.93 -5.58
CA PRO A 3 -0.92 -5.85 -4.63
C PRO A 3 -0.68 -6.45 -3.21
N ILE A 4 -1.24 -5.78 -2.19
CA ILE A 4 -1.31 -6.31 -0.79
C ILE A 4 -2.81 -6.16 -0.34
N ASN A 5 -3.32 -7.13 0.43
CA ASN A 5 -4.75 -7.16 0.88
C ASN A 5 -4.97 -6.27 2.13
N VAL A 6 -5.25 -4.97 1.88
CA VAL A 6 -5.48 -3.94 2.92
C VAL A 6 -6.58 -3.00 2.32
N SER A 7 -7.73 -2.91 3.02
CA SER A 7 -8.89 -2.11 2.54
C SER A 7 -8.71 -0.59 2.84
N CYS A 8 -8.76 0.23 1.77
CA CYS A 8 -8.49 1.69 1.88
C CYS A 8 -9.75 2.61 1.81
N THR A 9 -9.55 3.81 2.39
CA THR A 9 -10.47 4.97 2.25
C THR A 9 -9.81 6.00 1.24
N GLY A 10 -8.47 6.24 1.34
CA GLY A 10 -7.68 6.99 0.34
C GLY A 10 -6.24 6.43 0.21
N SER A 11 -5.35 7.23 -0.42
CA SER A 11 -3.91 6.87 -0.57
C SER A 11 -3.05 6.84 0.75
N PRO A 12 -3.15 7.75 1.77
CA PRO A 12 -2.39 7.63 3.06
C PRO A 12 -2.51 6.33 3.93
N GLN A 13 -3.60 5.53 3.78
CA GLN A 13 -3.77 4.23 4.50
C GLN A 13 -2.67 3.16 4.24
N CYS A 14 -2.20 3.00 2.99
CA CYS A 14 -1.16 2.01 2.61
C CYS A 14 0.32 2.34 3.00
N ILE A 15 0.67 3.56 3.44
CA ILE A 15 2.07 4.00 3.76
C ILE A 15 2.73 3.12 4.88
N LYS A 16 2.11 3.01 6.08
CA LYS A 16 2.64 2.15 7.18
C LYS A 16 2.61 0.61 6.81
N PRO A 17 1.52 -0.08 6.34
CA PRO A 17 1.59 -1.48 5.83
C PRO A 17 2.70 -1.84 4.78
N CYS A 18 2.97 -0.96 3.80
CA CYS A 18 4.09 -1.11 2.83
C CYS A 18 5.50 -1.07 3.51
N LYS A 19 5.83 -0.02 4.29
CA LYS A 19 7.10 0.09 5.06
C LYS A 19 7.33 -1.04 6.13
N ASP A 20 6.31 -1.36 6.95
CA ASP A 20 6.31 -2.49 7.91
C ASP A 20 6.59 -3.91 7.29
N ALA A 21 6.01 -4.23 6.11
CA ALA A 21 6.37 -5.45 5.34
C ALA A 21 7.84 -5.45 4.79
N GLY A 22 8.27 -4.34 4.14
CA GLY A 22 9.63 -4.16 3.59
C GLY A 22 9.62 -3.64 2.15
N MET A 23 8.96 -2.47 1.92
CA MET A 23 8.69 -1.93 0.56
C MET A 23 8.79 -0.37 0.59
N ARG A 24 8.88 0.24 -0.60
CA ARG A 24 9.21 1.68 -0.79
C ARG A 24 8.00 2.62 -0.49
N PHE A 25 6.91 2.53 -1.28
CA PHE A 25 5.78 3.49 -1.23
C PHE A 25 4.44 2.73 -1.00
N GLY A 26 3.41 3.48 -0.57
CA GLY A 26 2.04 2.95 -0.40
C GLY A 26 1.04 3.78 -1.20
N LYS A 27 0.77 3.33 -2.44
CA LYS A 27 -0.16 4.03 -3.37
C LYS A 27 -1.42 3.14 -3.50
N CYS A 28 -2.58 3.66 -3.05
CA CYS A 28 -3.83 2.87 -2.99
C CYS A 28 -4.78 3.19 -4.17
N MET A 29 -5.21 2.12 -4.87
CA MET A 29 -6.30 2.19 -5.88
C MET A 29 -7.69 2.07 -5.15
N ASN A 30 -8.80 1.88 -5.90
CA ASN A 30 -10.19 1.91 -5.35
C ASN A 30 -10.44 0.78 -4.30
N ARG A 31 -10.37 1.19 -3.01
CA ARG A 31 -10.43 0.28 -1.82
C ARG A 31 -9.30 -0.80 -1.68
N LYS A 32 -8.17 -0.76 -2.44
CA LYS A 32 -7.17 -1.87 -2.45
C LYS A 32 -5.72 -1.29 -2.55
N CYS A 33 -4.87 -1.64 -1.56
CA CYS A 33 -3.46 -1.19 -1.50
C CYS A 33 -2.53 -1.81 -2.58
N HIS A 34 -1.61 -1.00 -3.11
CA HIS A 34 -0.54 -1.47 -4.04
C HIS A 34 0.79 -0.86 -3.55
N CYS A 35 1.66 -1.72 -2.99
CA CYS A 35 3.00 -1.34 -2.50
C CYS A 35 4.06 -1.42 -3.62
N THR A 36 4.94 -0.40 -3.72
CA THR A 36 6.05 -0.39 -4.72
C THR A 36 7.24 -1.24 -4.13
N PRO A 37 7.67 -2.40 -4.69
CA PRO A 37 8.64 -3.30 -4.00
C PRO A 37 10.11 -2.77 -3.94
N LYS A 38 10.76 -3.05 -2.79
CA LYS A 38 12.16 -2.61 -2.52
C LYS A 38 13.13 -3.78 -2.82
N GLY A 1 3.87 -1.94 -8.29
CA GLY A 1 2.48 -2.33 -7.98
C GLY A 1 2.39 -3.79 -7.51
N VAL A 2 2.41 -3.98 -6.18
CA VAL A 2 2.41 -5.33 -5.53
C VAL A 2 1.10 -5.36 -4.66
N PRO A 3 0.00 -6.09 -5.01
CA PRO A 3 -1.27 -6.04 -4.25
C PRO A 3 -1.21 -6.75 -2.87
N ILE A 4 -1.18 -5.95 -1.79
CA ILE A 4 -1.33 -6.44 -0.39
C ILE A 4 -2.83 -6.30 0.02
N ASN A 5 -3.33 -7.26 0.83
CA ASN A 5 -4.75 -7.30 1.26
C ASN A 5 -5.03 -6.30 2.44
N VAL A 6 -5.28 -5.03 2.08
CA VAL A 6 -5.54 -3.92 3.03
C VAL A 6 -6.58 -3.02 2.29
N SER A 7 -7.79 -2.95 2.86
CA SER A 7 -8.90 -2.13 2.27
C SER A 7 -8.74 -0.64 2.64
N CYS A 8 -8.63 0.23 1.62
CA CYS A 8 -8.26 1.66 1.83
C CYS A 8 -9.46 2.63 2.07
N THR A 9 -9.14 3.71 2.79
CA THR A 9 -10.02 4.89 2.95
C THR A 9 -9.10 6.12 2.67
N GLY A 10 -8.68 6.28 1.39
CA GLY A 10 -7.63 7.25 0.98
C GLY A 10 -6.27 6.57 0.71
N SER A 11 -5.47 7.19 -0.20
CA SER A 11 -4.09 6.73 -0.52
C SER A 11 -3.05 6.76 0.66
N PRO A 12 -2.95 7.76 1.59
CA PRO A 12 -2.07 7.68 2.80
C PRO A 12 -2.20 6.47 3.78
N GLN A 13 -3.38 5.80 3.83
CA GLN A 13 -3.60 4.55 4.63
C GLN A 13 -2.66 3.35 4.29
N CYS A 14 -2.31 3.14 3.01
CA CYS A 14 -1.35 2.08 2.59
C CYS A 14 0.17 2.30 2.91
N ILE A 15 0.64 3.51 3.28
CA ILE A 15 2.09 3.82 3.49
C ILE A 15 2.72 3.03 4.68
N LYS A 16 2.11 3.04 5.90
CA LYS A 16 2.62 2.22 7.05
C LYS A 16 2.54 0.67 6.79
N PRO A 17 1.44 -0.01 6.34
CA PRO A 17 1.47 -1.44 5.90
C PRO A 17 2.53 -1.86 4.83
N CYS A 18 2.77 -1.03 3.79
CA CYS A 18 3.88 -1.22 2.82
C CYS A 18 5.30 -1.19 3.45
N LYS A 19 5.64 -0.14 4.24
CA LYS A 19 6.92 -0.05 5.00
C LYS A 19 7.17 -1.22 6.02
N ASP A 20 6.15 -1.57 6.85
CA ASP A 20 6.20 -2.73 7.78
C ASP A 20 6.47 -4.11 7.09
N ALA A 21 5.86 -4.40 5.93
CA ALA A 21 6.21 -5.60 5.10
C ALA A 21 7.65 -5.58 4.51
N GLY A 22 8.04 -4.48 3.83
CA GLY A 22 9.39 -4.29 3.26
C GLY A 22 9.37 -3.59 1.88
N MET A 23 8.75 -2.41 1.79
CA MET A 23 8.58 -1.65 0.53
C MET A 23 8.71 -0.12 0.78
N ARG A 24 8.88 0.64 -0.32
CA ARG A 24 9.09 2.11 -0.30
C ARG A 24 7.74 2.87 -0.18
N PHE A 25 6.94 2.95 -1.27
CA PHE A 25 5.68 3.74 -1.29
C PHE A 25 4.45 2.82 -0.98
N GLY A 26 3.36 3.49 -0.57
CA GLY A 26 2.03 2.85 -0.43
C GLY A 26 0.98 3.70 -1.14
N LYS A 27 0.70 3.34 -2.40
CA LYS A 27 -0.24 4.08 -3.29
C LYS A 27 -1.46 3.16 -3.57
N CYS A 28 -2.67 3.66 -3.27
CA CYS A 28 -3.89 2.83 -3.30
C CYS A 28 -4.76 3.03 -4.56
N MET A 29 -5.16 1.91 -5.17
CA MET A 29 -6.18 1.86 -6.25
C MET A 29 -7.61 1.80 -5.59
N ASN A 30 -8.67 1.38 -6.32
CA ASN A 30 -10.09 1.45 -5.83
C ASN A 30 -10.32 0.54 -4.57
N ARG A 31 -10.20 1.18 -3.39
CA ARG A 31 -10.15 0.53 -2.05
C ARG A 31 -9.10 -0.64 -1.89
N LYS A 32 -7.95 -0.62 -2.62
CA LYS A 32 -7.00 -1.77 -2.68
C LYS A 32 -5.55 -1.25 -2.63
N CYS A 33 -4.78 -1.61 -1.59
CA CYS A 33 -3.37 -1.15 -1.44
C CYS A 33 -2.39 -1.82 -2.43
N HIS A 34 -1.55 -1.00 -3.10
CA HIS A 34 -0.49 -1.48 -4.01
C HIS A 34 0.85 -0.84 -3.56
N CYS A 35 1.80 -1.68 -3.11
CA CYS A 35 3.14 -1.23 -2.66
C CYS A 35 4.16 -1.17 -3.82
N THR A 36 5.10 -0.21 -3.76
CA THR A 36 6.20 -0.09 -4.74
C THR A 36 7.51 -0.56 -4.01
N PRO A 37 8.16 -1.73 -4.32
CA PRO A 37 9.36 -2.23 -3.59
C PRO A 37 10.58 -1.28 -3.48
N LYS A 38 11.32 -1.44 -2.38
CA LYS A 38 12.52 -0.62 -2.05
C LYS A 38 13.81 -1.25 -2.64
N GLY A 1 2.45 -1.08 -7.55
CA GLY A 1 3.26 -2.22 -8.05
C GLY A 1 2.67 -3.57 -7.60
N VAL A 2 3.28 -4.17 -6.56
CA VAL A 2 2.89 -5.52 -6.04
C VAL A 2 1.61 -5.41 -5.13
N PRO A 3 0.46 -6.12 -5.38
CA PRO A 3 -0.74 -6.04 -4.51
C PRO A 3 -0.57 -6.62 -3.07
N ILE A 4 -1.06 -5.87 -2.07
CA ILE A 4 -1.17 -6.37 -0.66
C ILE A 4 -2.68 -6.22 -0.26
N ASN A 5 -3.22 -7.22 0.47
CA ASN A 5 -4.65 -7.24 0.87
C ASN A 5 -4.91 -6.37 2.14
N VAL A 6 -5.16 -5.07 1.90
CA VAL A 6 -5.37 -4.05 2.97
C VAL A 6 -6.45 -3.09 2.37
N SER A 7 -7.61 -3.00 3.04
CA SER A 7 -8.76 -2.18 2.57
C SER A 7 -8.55 -0.66 2.88
N CYS A 8 -8.58 0.17 1.81
CA CYS A 8 -8.24 1.62 1.92
C CYS A 8 -9.45 2.57 2.12
N THR A 9 -9.13 3.73 2.72
CA THR A 9 -10.03 4.91 2.81
C THR A 9 -9.11 6.13 2.45
N GLY A 10 -8.68 6.22 1.17
CA GLY A 10 -7.65 7.18 0.71
C GLY A 10 -6.27 6.53 0.47
N SER A 11 -5.45 7.19 -0.38
CA SER A 11 -4.05 6.77 -0.67
C SER A 11 -3.04 6.85 0.55
N PRO A 12 -3.00 7.87 1.46
CA PRO A 12 -2.16 7.82 2.70
C PRO A 12 -2.29 6.61 3.69
N GLN A 13 -3.42 5.90 3.68
CA GLN A 13 -3.63 4.65 4.49
C GLN A 13 -2.64 3.48 4.21
N CYS A 14 -2.26 3.23 2.94
CA CYS A 14 -1.27 2.18 2.57
C CYS A 14 0.23 2.46 2.85
N ILE A 15 0.65 3.68 3.23
CA ILE A 15 2.08 4.05 3.50
C ILE A 15 2.73 3.19 4.63
N LYS A 16 2.15 3.15 5.85
CA LYS A 16 2.65 2.32 6.99
C LYS A 16 2.51 0.78 6.74
N PRO A 17 1.38 0.13 6.30
CA PRO A 17 1.36 -1.31 5.89
C PRO A 17 2.42 -1.78 4.83
N CYS A 18 2.69 -0.98 3.78
CA CYS A 18 3.81 -1.21 2.82
C CYS A 18 5.23 -1.19 3.49
N LYS A 19 5.55 -0.14 4.28
CA LYS A 19 6.81 -0.05 5.07
C LYS A 19 7.04 -1.22 6.10
N ASP A 20 6.01 -1.58 6.89
CA ASP A 20 6.04 -2.75 7.82
C ASP A 20 6.29 -4.13 7.13
N ALA A 21 5.67 -4.41 5.96
CA ALA A 21 5.97 -5.62 5.15
C ALA A 21 7.42 -5.67 4.56
N GLY A 22 7.87 -4.59 3.89
CA GLY A 22 9.24 -4.47 3.32
C GLY A 22 9.25 -3.77 1.95
N MET A 23 8.66 -2.55 1.88
CA MET A 23 8.50 -1.80 0.61
C MET A 23 8.69 -0.27 0.87
N ARG A 24 8.92 0.48 -0.22
CA ARG A 24 9.20 1.94 -0.19
C ARG A 24 7.88 2.76 -0.09
N PHE A 25 7.08 2.85 -1.16
CA PHE A 25 5.82 3.65 -1.18
C PHE A 25 4.57 2.74 -0.98
N GLY A 26 3.43 3.38 -0.68
CA GLY A 26 2.12 2.72 -0.58
C GLY A 26 1.04 3.59 -1.26
N LYS A 27 0.78 3.29 -2.55
CA LYS A 27 -0.22 4.04 -3.36
C LYS A 27 -1.45 3.13 -3.56
N CYS A 28 -2.64 3.63 -3.19
CA CYS A 28 -3.87 2.80 -3.18
C CYS A 28 -4.82 3.09 -4.36
N MET A 29 -5.30 1.99 -4.99
CA MET A 29 -6.39 2.04 -6.00
C MET A 29 -7.76 1.92 -5.23
N ASN A 30 -8.89 1.65 -5.94
CA ASN A 30 -10.27 1.67 -5.36
C ASN A 30 -10.45 0.59 -4.24
N ARG A 31 -10.34 1.06 -2.98
CA ARG A 31 -10.32 0.21 -1.75
C ARG A 31 -9.17 -0.86 -1.63
N LYS A 32 -8.06 -0.79 -2.40
CA LYS A 32 -7.06 -1.90 -2.48
C LYS A 32 -5.61 -1.32 -2.53
N CYS A 33 -4.78 -1.66 -1.52
CA CYS A 33 -3.37 -1.19 -1.44
C CYS A 33 -2.43 -1.83 -2.51
N HIS A 34 -1.55 -1.01 -3.11
CA HIS A 34 -0.52 -1.49 -4.07
C HIS A 34 0.82 -0.83 -3.69
N CYS A 35 1.75 -1.63 -3.15
CA CYS A 35 3.08 -1.16 -2.70
C CYS A 35 4.12 -1.07 -3.87
N THR A 36 5.11 -0.17 -3.72
CA THR A 36 6.24 -0.05 -4.69
C THR A 36 7.51 -0.59 -3.94
N PRO A 37 8.08 -1.81 -4.22
CA PRO A 37 9.22 -2.37 -3.45
C PRO A 37 10.54 -1.54 -3.42
N LYS A 38 11.22 -1.59 -2.27
CA LYS A 38 12.52 -0.89 -2.05
C LYS A 38 13.74 -1.67 -2.60
N GLY A 1 1.53 -1.61 -8.69
CA GLY A 1 2.60 -2.04 -7.76
C GLY A 1 2.51 -3.55 -7.45
N VAL A 2 2.20 -3.88 -6.18
CA VAL A 2 2.12 -5.28 -5.70
C VAL A 2 0.82 -5.33 -4.83
N PRO A 3 -0.29 -6.05 -5.19
CA PRO A 3 -1.56 -6.03 -4.41
C PRO A 3 -1.48 -6.80 -3.06
N ILE A 4 -1.46 -6.03 -1.97
CA ILE A 4 -1.59 -6.57 -0.58
C ILE A 4 -3.08 -6.36 -0.14
N ASN A 5 -3.62 -7.31 0.65
CA ASN A 5 -5.04 -7.29 1.09
C ASN A 5 -5.24 -6.32 2.30
N VAL A 6 -5.49 -5.04 1.98
CA VAL A 6 -5.65 -3.94 2.97
C VAL A 6 -6.71 -2.99 2.33
N SER A 7 -7.87 -2.85 3.01
CA SER A 7 -9.00 -2.03 2.50
C SER A 7 -8.77 -0.51 2.77
N CYS A 8 -8.68 0.28 1.68
CA CYS A 8 -8.34 1.72 1.78
C CYS A 8 -9.55 2.68 1.81
N THR A 9 -9.30 3.87 2.40
CA THR A 9 -10.20 5.04 2.34
C THR A 9 -9.33 6.29 1.92
N GLY A 10 -8.51 6.15 0.84
CA GLY A 10 -7.47 7.12 0.45
C GLY A 10 -6.06 6.49 0.38
N SER A 11 -5.14 7.15 -0.35
CA SER A 11 -3.71 6.74 -0.46
C SER A 11 -2.87 6.79 0.87
N PRO A 12 -2.94 7.78 1.82
CA PRO A 12 -2.21 7.71 3.13
C PRO A 12 -2.37 6.46 4.06
N GLN A 13 -3.48 5.71 3.94
CA GLN A 13 -3.72 4.44 4.68
C GLN A 13 -2.69 3.30 4.40
N CYS A 14 -2.27 3.10 3.12
CA CYS A 14 -1.27 2.08 2.73
C CYS A 14 0.23 2.34 3.10
N ILE A 15 0.64 3.56 3.52
CA ILE A 15 2.06 3.91 3.82
C ILE A 15 2.68 3.03 4.95
N LYS A 16 2.02 2.88 6.12
CA LYS A 16 2.48 2.00 7.24
C LYS A 16 2.49 0.47 6.83
N PRO A 17 1.42 -0.22 6.32
CA PRO A 17 1.53 -1.62 5.79
C PRO A 17 2.64 -1.94 4.75
N CYS A 18 2.86 -1.07 3.74
CA CYS A 18 3.97 -1.20 2.76
C CYS A 18 5.40 -1.11 3.38
N LYS A 19 5.68 -0.06 4.18
CA LYS A 19 6.96 0.10 4.94
C LYS A 19 7.25 -1.03 5.98
N ASP A 20 6.25 -1.42 6.80
CA ASP A 20 6.34 -2.57 7.75
C ASP A 20 6.66 -3.96 7.08
N ALA A 21 6.07 -4.28 5.91
CA ALA A 21 6.47 -5.47 5.11
C ALA A 21 7.94 -5.40 4.57
N GLY A 22 8.32 -4.29 3.92
CA GLY A 22 9.69 -4.04 3.42
C GLY A 22 9.69 -3.44 1.99
N MET A 23 9.00 -2.31 1.79
CA MET A 23 8.79 -1.68 0.46
C MET A 23 8.82 -0.12 0.59
N ARG A 24 8.89 0.56 -0.57
CA ARG A 24 9.13 2.03 -0.64
C ARG A 24 7.88 2.88 -0.28
N PHE A 25 6.78 2.76 -1.06
CA PHE A 25 5.60 3.66 -0.95
C PHE A 25 4.29 2.82 -0.85
N GLY A 26 3.23 3.47 -0.35
CA GLY A 26 1.87 2.89 -0.32
C GLY A 26 0.91 3.72 -1.19
N LYS A 27 0.77 3.30 -2.46
CA LYS A 27 -0.08 4.00 -3.45
C LYS A 27 -1.34 3.13 -3.65
N CYS A 28 -2.50 3.63 -3.20
CA CYS A 28 -3.73 2.81 -3.15
C CYS A 28 -4.66 3.04 -4.37
N MET A 29 -5.04 1.92 -5.02
CA MET A 29 -6.10 1.89 -6.07
C MET A 29 -7.51 1.78 -5.37
N ASN A 30 -8.59 1.46 -6.12
CA ASN A 30 -10.00 1.52 -5.64
C ASN A 30 -10.27 0.52 -4.47
N ARG A 31 -10.22 1.07 -3.24
CA ARG A 31 -10.24 0.31 -1.95
C ARG A 31 -9.15 -0.82 -1.75
N LYS A 32 -8.00 -0.81 -2.47
CA LYS A 32 -7.01 -1.91 -2.41
C LYS A 32 -5.58 -1.33 -2.51
N CYS A 33 -4.73 -1.62 -1.50
CA CYS A 33 -3.32 -1.14 -1.45
C CYS A 33 -2.38 -1.79 -2.52
N HIS A 34 -1.56 -0.95 -3.18
CA HIS A 34 -0.50 -1.43 -4.11
C HIS A 34 0.85 -0.82 -3.64
N CYS A 35 1.74 -1.68 -3.12
CA CYS A 35 3.07 -1.26 -2.62
C CYS A 35 4.12 -1.16 -3.77
N THR A 36 4.99 -0.14 -3.72
CA THR A 36 6.06 0.07 -4.74
C THR A 36 7.34 -0.69 -4.22
N PRO A 37 7.85 -1.80 -4.81
CA PRO A 37 8.91 -2.64 -4.20
C PRO A 37 10.35 -2.04 -4.32
N LYS A 38 11.19 -2.34 -3.31
CA LYS A 38 12.63 -1.96 -3.30
C LYS A 38 13.51 -3.12 -3.83
N GLY A 1 4.02 -2.34 -8.25
CA GLY A 1 2.63 -2.63 -7.84
C GLY A 1 2.47 -4.07 -7.35
N VAL A 2 2.60 -4.25 -6.02
CA VAL A 2 2.47 -5.58 -5.36
C VAL A 2 1.12 -5.53 -4.57
N PRO A 3 0.01 -6.22 -4.96
CA PRO A 3 -1.30 -6.10 -4.28
C PRO A 3 -1.35 -6.83 -2.91
N ILE A 4 -1.29 -6.04 -1.82
CA ILE A 4 -1.49 -6.54 -0.43
C ILE A 4 -2.99 -6.35 -0.05
N ASN A 5 -3.53 -7.28 0.75
CA ASN A 5 -4.98 -7.28 1.17
C ASN A 5 -5.22 -6.29 2.36
N VAL A 6 -5.46 -5.02 2.01
CA VAL A 6 -5.68 -3.91 2.98
C VAL A 6 -6.74 -3.00 2.29
N SER A 7 -7.92 -2.88 2.92
CA SER A 7 -9.05 -2.08 2.37
C SER A 7 -8.88 -0.57 2.70
N CYS A 8 -8.79 0.26 1.64
CA CYS A 8 -8.49 1.71 1.78
C CYS A 8 -9.74 2.65 1.72
N THR A 9 -9.54 3.84 2.33
CA THR A 9 -10.46 5.00 2.21
C THR A 9 -9.76 6.05 1.25
N GLY A 10 -8.44 6.30 1.39
CA GLY A 10 -7.63 7.07 0.42
C GLY A 10 -6.20 6.47 0.28
N SER A 11 -5.30 7.25 -0.36
CA SER A 11 -3.86 6.85 -0.53
C SER A 11 -3.01 6.81 0.79
N PRO A 12 -3.06 7.73 1.81
CA PRO A 12 -2.31 7.60 3.09
C PRO A 12 -2.45 6.31 3.97
N GLN A 13 -3.56 5.55 3.83
CA GLN A 13 -3.77 4.26 4.56
C GLN A 13 -2.69 3.16 4.30
N CYS A 14 -2.25 2.97 3.04
CA CYS A 14 -1.24 1.95 2.66
C CYS A 14 0.25 2.25 3.03
N ILE A 15 0.63 3.47 3.48
CA ILE A 15 2.05 3.81 3.84
C ILE A 15 2.62 2.89 4.97
N LYS A 16 1.98 2.80 6.15
CA LYS A 16 2.40 1.92 7.26
C LYS A 16 2.48 0.40 6.88
N PRO A 17 1.46 -0.34 6.32
CA PRO A 17 1.62 -1.76 5.91
C PRO A 17 2.67 -2.06 4.80
N CYS A 18 2.75 -1.26 3.71
CA CYS A 18 3.81 -1.37 2.67
C CYS A 18 5.27 -1.14 3.21
N LYS A 19 5.53 0.00 3.87
CA LYS A 19 6.85 0.36 4.45
C LYS A 19 7.38 -0.64 5.53
N ASP A 20 6.57 -0.95 6.56
CA ASP A 20 6.92 -1.95 7.60
C ASP A 20 7.03 -3.44 7.12
N ALA A 21 6.28 -3.88 6.09
CA ALA A 21 6.48 -5.23 5.47
C ALA A 21 7.85 -5.39 4.74
N GLY A 22 8.17 -4.52 3.77
CA GLY A 22 9.48 -4.50 3.09
C GLY A 22 9.46 -3.82 1.70
N MET A 23 8.89 -2.59 1.62
CA MET A 23 8.78 -1.81 0.37
C MET A 23 9.07 -0.30 0.65
N ARG A 24 9.09 0.51 -0.42
CA ARG A 24 9.34 1.98 -0.35
C ARG A 24 8.04 2.78 -0.03
N PHE A 25 7.02 2.71 -0.89
CA PHE A 25 5.81 3.60 -0.81
C PHE A 25 4.52 2.74 -0.77
N GLY A 26 3.43 3.37 -0.29
CA GLY A 26 2.09 2.78 -0.26
C GLY A 26 1.09 3.64 -1.04
N LYS A 27 0.84 3.25 -2.30
CA LYS A 27 -0.05 3.99 -3.24
C LYS A 27 -1.32 3.12 -3.46
N CYS A 28 -2.49 3.66 -3.09
CA CYS A 28 -3.75 2.86 -3.05
C CYS A 28 -4.67 3.14 -4.27
N MET A 29 -5.09 2.06 -4.93
CA MET A 29 -6.15 2.07 -5.97
C MET A 29 -7.56 2.03 -5.27
N ASN A 30 -8.66 1.82 -6.03
CA ASN A 30 -10.06 1.89 -5.53
C ASN A 30 -10.34 0.82 -4.43
N ARG A 31 -10.26 1.29 -3.16
CA ARG A 31 -10.31 0.44 -1.93
C ARG A 31 -9.24 -0.71 -1.81
N LYS A 32 -8.09 -0.68 -2.53
CA LYS A 32 -7.12 -1.82 -2.56
C LYS A 32 -5.66 -1.28 -2.61
N CYS A 33 -4.85 -1.65 -1.60
CA CYS A 33 -3.42 -1.23 -1.51
C CYS A 33 -2.48 -1.87 -2.56
N HIS A 34 -1.58 -1.05 -3.13
CA HIS A 34 -0.51 -1.54 -4.05
C HIS A 34 0.83 -0.91 -3.57
N CYS A 35 1.78 -1.76 -3.14
CA CYS A 35 3.11 -1.31 -2.68
C CYS A 35 4.11 -1.09 -3.85
N THR A 36 5.06 -0.15 -3.67
CA THR A 36 6.13 0.14 -4.67
C THR A 36 7.44 -0.53 -4.12
N PRO A 37 7.92 -1.72 -4.58
CA PRO A 37 9.08 -2.43 -3.96
C PRO A 37 10.46 -1.80 -4.24
N LYS A 38 11.41 -2.03 -3.32
CA LYS A 38 12.80 -1.50 -3.40
C LYS A 38 13.63 -2.38 -4.36
N GLY A 1 3.75 -1.25 -8.46
CA GLY A 1 2.41 -1.50 -7.89
C GLY A 1 2.13 -3.00 -7.72
N VAL A 2 2.54 -3.57 -6.57
CA VAL A 2 2.32 -5.01 -6.24
C VAL A 2 1.06 -5.11 -5.32
N PRO A 3 -0.04 -5.86 -5.64
CA PRO A 3 -1.29 -5.85 -4.84
C PRO A 3 -1.19 -6.65 -3.50
N ILE A 4 -1.28 -5.91 -2.39
CA ILE A 4 -1.43 -6.50 -1.02
C ILE A 4 -2.91 -6.23 -0.56
N ASN A 5 -3.53 -7.23 0.09
CA ASN A 5 -4.95 -7.13 0.54
C ASN A 5 -5.05 -6.35 1.89
N VAL A 6 -5.23 -5.02 1.76
CA VAL A 6 -5.29 -4.08 2.91
C VAL A 6 -6.38 -3.04 2.49
N SER A 7 -7.49 -3.00 3.23
CA SER A 7 -8.67 -2.17 2.89
C SER A 7 -8.45 -0.66 3.14
N CYS A 8 -8.48 0.13 2.06
CA CYS A 8 -8.16 1.59 2.14
C CYS A 8 -9.38 2.51 2.39
N THR A 9 -9.06 3.68 2.98
CA THR A 9 -9.99 4.83 3.11
C THR A 9 -9.15 6.09 2.72
N GLY A 10 -8.80 6.20 1.41
CA GLY A 10 -7.83 7.20 0.91
C GLY A 10 -6.45 6.59 0.57
N SER A 11 -5.71 7.27 -0.33
CA SER A 11 -4.33 6.85 -0.74
C SER A 11 -3.22 6.96 0.37
N PRO A 12 -3.07 8.01 1.24
CA PRO A 12 -2.12 7.99 2.40
C PRO A 12 -2.19 6.83 3.44
N GLN A 13 -3.34 6.13 3.56
CA GLN A 13 -3.50 4.92 4.42
C GLN A 13 -2.51 3.74 4.15
N CYS A 14 -2.16 3.46 2.88
CA CYS A 14 -1.21 2.38 2.50
C CYS A 14 0.30 2.60 2.77
N ILE A 15 0.78 3.80 3.13
CA ILE A 15 2.23 4.10 3.35
C ILE A 15 2.83 3.27 4.55
N LYS A 16 2.22 3.28 5.74
CA LYS A 16 2.68 2.44 6.90
C LYS A 16 2.50 0.89 6.66
N PRO A 17 1.36 0.28 6.22
CA PRO A 17 1.30 -1.16 5.81
C PRO A 17 2.37 -1.67 4.77
N CYS A 18 2.67 -0.87 3.72
CA CYS A 18 3.81 -1.13 2.79
C CYS A 18 5.21 -1.14 3.48
N LYS A 19 5.54 -0.11 4.29
CA LYS A 19 6.79 -0.04 5.11
C LYS A 19 7.00 -1.25 6.09
N ASP A 20 6.01 -1.58 6.93
CA ASP A 20 6.06 -2.75 7.86
C ASP A 20 6.11 -4.15 7.17
N ALA A 21 5.47 -4.36 6.00
CA ALA A 21 5.63 -5.60 5.19
C ALA A 21 7.06 -5.77 4.59
N GLY A 22 7.57 -4.77 3.86
CA GLY A 22 8.93 -4.76 3.28
C GLY A 22 9.02 -4.03 1.93
N MET A 23 8.54 -2.76 1.87
CA MET A 23 8.44 -1.96 0.62
C MET A 23 8.71 -0.46 0.93
N ARG A 24 8.98 0.31 -0.14
CA ARG A 24 9.30 1.76 -0.06
C ARG A 24 8.01 2.63 0.06
N PHE A 25 7.22 2.79 -1.02
CA PHE A 25 6.01 3.66 -1.03
C PHE A 25 4.70 2.81 -0.92
N GLY A 26 3.59 3.50 -0.67
CA GLY A 26 2.24 2.88 -0.61
C GLY A 26 1.17 3.83 -1.16
N LYS A 27 0.77 3.58 -2.42
CA LYS A 27 -0.32 4.33 -3.10
C LYS A 27 -1.49 3.34 -3.38
N CYS A 28 -2.71 3.73 -2.98
CA CYS A 28 -3.87 2.81 -3.00
C CYS A 28 -4.74 2.93 -4.27
N MET A 29 -5.06 1.75 -4.85
CA MET A 29 -6.07 1.62 -5.94
C MET A 29 -7.49 1.40 -5.28
N ASN A 30 -8.51 0.98 -6.05
CA ASN A 30 -9.94 0.94 -5.59
C ASN A 30 -10.16 -0.02 -4.38
N ARG A 31 -10.20 0.59 -3.18
CA ARG A 31 -10.22 -0.10 -1.86
C ARG A 31 -9.04 -1.10 -1.53
N LYS A 32 -7.91 -1.13 -2.28
CA LYS A 32 -6.82 -2.13 -2.06
C LYS A 32 -5.44 -1.46 -2.28
N CYS A 33 -4.53 -1.65 -1.30
CA CYS A 33 -3.15 -1.09 -1.34
C CYS A 33 -2.25 -1.68 -2.46
N HIS A 34 -1.51 -0.80 -3.16
CA HIS A 34 -0.49 -1.20 -4.16
C HIS A 34 0.85 -0.56 -3.73
N CYS A 35 1.77 -1.40 -3.23
CA CYS A 35 3.11 -0.95 -2.77
C CYS A 35 4.15 -0.83 -3.92
N THR A 36 5.21 -0.04 -3.70
CA THR A 36 6.35 0.05 -4.65
C THR A 36 7.57 -0.60 -3.91
N PRO A 37 8.03 -1.86 -4.20
CA PRO A 37 9.11 -2.53 -3.44
C PRO A 37 10.49 -1.80 -3.40
N LYS A 38 11.20 -1.98 -2.28
CA LYS A 38 12.50 -1.31 -2.02
C LYS A 38 13.66 -2.07 -2.73
N GLY A 1 4.03 -1.17 -8.44
CA GLY A 1 2.83 -1.35 -7.60
C GLY A 1 2.43 -2.83 -7.47
N VAL A 2 3.03 -3.53 -6.50
CA VAL A 2 2.74 -4.97 -6.21
C VAL A 2 1.52 -5.00 -5.21
N PRO A 3 0.36 -5.67 -5.51
CA PRO A 3 -0.84 -5.63 -4.64
C PRO A 3 -0.71 -6.43 -3.32
N ILE A 4 -1.00 -5.75 -2.18
CA ILE A 4 -1.13 -6.40 -0.85
C ILE A 4 -2.62 -6.24 -0.39
N ASN A 5 -3.11 -7.20 0.40
CA ASN A 5 -4.52 -7.21 0.92
C ASN A 5 -4.69 -6.28 2.17
N VAL A 6 -4.94 -4.99 1.89
CA VAL A 6 -5.11 -3.93 2.93
C VAL A 6 -6.25 -3.03 2.36
N SER A 7 -7.40 -2.99 3.06
CA SER A 7 -8.59 -2.23 2.60
C SER A 7 -8.45 -0.70 2.89
N CYS A 8 -8.45 0.11 1.82
CA CYS A 8 -8.14 1.56 1.92
C CYS A 8 -9.37 2.50 2.06
N THR A 9 -9.08 3.66 2.65
CA THR A 9 -9.99 4.83 2.70
C THR A 9 -9.08 6.06 2.36
N GLY A 10 -8.62 6.15 1.10
CA GLY A 10 -7.59 7.11 0.66
C GLY A 10 -6.19 6.47 0.46
N SER A 11 -5.34 7.14 -0.34
CA SER A 11 -3.93 6.74 -0.59
C SER A 11 -2.97 6.76 0.66
N PRO A 12 -2.95 7.75 1.61
CA PRO A 12 -2.14 7.68 2.86
C PRO A 12 -2.30 6.44 3.81
N GLN A 13 -3.44 5.71 3.76
CA GLN A 13 -3.69 4.47 4.55
C GLN A 13 -2.71 3.28 4.27
N CYS A 14 -2.26 3.07 3.02
CA CYS A 14 -1.24 2.03 2.67
C CYS A 14 0.23 2.30 3.12
N ILE A 15 0.64 3.55 3.42
CA ILE A 15 2.06 3.92 3.73
C ILE A 15 2.67 3.13 4.93
N LYS A 16 2.06 3.16 6.14
CA LYS A 16 2.56 2.41 7.32
C LYS A 16 2.43 0.84 7.16
N PRO A 17 1.29 0.17 6.82
CA PRO A 17 1.26 -1.30 6.48
C PRO A 17 2.32 -1.84 5.47
N CYS A 18 2.54 -1.11 4.35
CA CYS A 18 3.58 -1.44 3.34
C CYS A 18 5.04 -1.26 3.82
N LYS A 19 5.39 -0.15 4.51
CA LYS A 19 6.74 0.05 5.12
C LYS A 19 7.13 -1.03 6.18
N ASP A 20 6.24 -1.36 7.13
CA ASP A 20 6.41 -2.49 8.09
C ASP A 20 6.53 -3.91 7.45
N ALA A 21 5.78 -4.21 6.35
CA ALA A 21 5.96 -5.47 5.57
C ALA A 21 7.34 -5.60 4.86
N GLY A 22 7.73 -4.59 4.07
CA GLY A 22 9.02 -4.55 3.34
C GLY A 22 8.87 -3.90 1.94
N MET A 23 8.42 -2.63 1.91
CA MET A 23 8.13 -1.89 0.65
C MET A 23 8.59 -0.41 0.78
N ARG A 24 8.70 0.26 -0.39
CA ARG A 24 9.12 1.68 -0.50
C ARG A 24 7.88 2.62 -0.50
N PHE A 25 7.09 2.65 -1.59
CA PHE A 25 5.89 3.53 -1.72
C PHE A 25 4.58 2.74 -1.41
N GLY A 26 3.50 3.49 -1.18
CA GLY A 26 2.15 2.92 -0.94
C GLY A 26 1.07 3.79 -1.59
N LYS A 27 0.75 3.48 -2.87
CA LYS A 27 -0.27 4.22 -3.66
C LYS A 27 -1.50 3.30 -3.79
N CYS A 28 -2.65 3.74 -3.23
CA CYS A 28 -3.85 2.88 -3.17
C CYS A 28 -4.87 3.19 -4.30
N MET A 29 -5.31 2.11 -4.97
CA MET A 29 -6.44 2.14 -5.93
C MET A 29 -7.79 1.92 -5.14
N ASN A 30 -8.91 1.60 -5.84
CA ASN A 30 -10.28 1.57 -5.24
C ASN A 30 -10.42 0.49 -4.13
N ARG A 31 -10.30 0.97 -2.87
CA ARG A 31 -10.21 0.14 -1.64
C ARG A 31 -9.06 -0.94 -1.58
N LYS A 32 -7.97 -0.85 -2.38
CA LYS A 32 -6.95 -1.95 -2.46
C LYS A 32 -5.54 -1.34 -2.67
N CYS A 33 -4.61 -1.64 -1.73
CA CYS A 33 -3.21 -1.13 -1.78
C CYS A 33 -2.36 -1.69 -2.96
N HIS A 34 -1.60 -0.81 -3.62
CA HIS A 34 -0.58 -1.21 -4.64
C HIS A 34 0.75 -0.52 -4.21
N CYS A 35 1.63 -1.32 -3.57
CA CYS A 35 2.87 -0.83 -2.93
C CYS A 35 4.12 -1.24 -3.74
N THR A 36 4.97 -0.25 -4.05
CA THR A 36 6.18 -0.46 -4.90
C THR A 36 7.32 -1.06 -4.00
N PRO A 37 7.95 -2.24 -4.28
CA PRO A 37 8.92 -2.86 -3.36
C PRO A 37 10.31 -2.15 -3.28
N LYS A 38 10.93 -2.25 -2.09
CA LYS A 38 12.25 -1.61 -1.82
C LYS A 38 13.43 -2.50 -2.31
N GLY A 1 3.96 -1.89 -8.13
CA GLY A 1 2.56 -2.13 -7.73
C GLY A 1 2.33 -3.59 -7.35
N VAL A 2 2.38 -3.88 -6.04
CA VAL A 2 2.24 -5.26 -5.48
C VAL A 2 0.86 -5.27 -4.74
N PRO A 3 -0.21 -5.99 -5.19
CA PRO A 3 -1.54 -5.97 -4.52
C PRO A 3 -1.56 -6.77 -3.18
N ILE A 4 -1.53 -6.02 -2.07
CA ILE A 4 -1.67 -6.60 -0.69
C ILE A 4 -3.14 -6.36 -0.22
N ASN A 5 -3.69 -7.33 0.53
CA ASN A 5 -5.11 -7.29 1.00
C ASN A 5 -5.26 -6.35 2.24
N VAL A 6 -5.51 -5.06 1.95
CA VAL A 6 -5.59 -3.97 2.96
C VAL A 6 -6.68 -3.02 2.41
N SER A 7 -7.82 -2.92 3.12
CA SER A 7 -8.97 -2.08 2.69
C SER A 7 -8.71 -0.56 2.95
N CYS A 8 -8.62 0.21 1.86
CA CYS A 8 -8.26 1.65 1.92
C CYS A 8 -9.46 2.62 2.10
N THR A 9 -9.12 3.78 2.68
CA THR A 9 -10.01 4.96 2.76
C THR A 9 -9.08 6.17 2.42
N GLY A 10 -8.67 6.27 1.12
CA GLY A 10 -7.62 7.21 0.67
C GLY A 10 -6.23 6.54 0.50
N SER A 11 -5.37 7.18 -0.30
CA SER A 11 -3.96 6.75 -0.51
C SER A 11 -3.00 6.82 0.74
N PRO A 12 -3.00 7.84 1.67
CA PRO A 12 -2.20 7.79 2.94
C PRO A 12 -2.36 6.57 3.91
N GLN A 13 -3.49 5.84 3.86
CA GLN A 13 -3.70 4.56 4.61
C GLN A 13 -2.68 3.42 4.30
N CYS A 14 -2.27 3.24 3.03
CA CYS A 14 -1.26 2.22 2.63
C CYS A 14 0.24 2.48 2.99
N ILE A 15 0.64 3.68 3.47
CA ILE A 15 2.06 4.03 3.79
C ILE A 15 2.67 3.11 4.91
N LYS A 16 2.04 3.02 6.11
CA LYS A 16 2.52 2.12 7.20
C LYS A 16 2.46 0.59 6.83
N PRO A 17 1.37 -0.06 6.30
CA PRO A 17 1.42 -1.45 5.78
C PRO A 17 2.54 -1.83 4.75
N CYS A 18 2.81 -0.95 3.75
CA CYS A 18 3.95 -1.10 2.80
C CYS A 18 5.36 -1.06 3.47
N LYS A 19 5.67 -0.03 4.29
CA LYS A 19 6.93 0.05 5.09
C LYS A 19 7.16 -1.13 6.09
N ASP A 20 6.12 -1.50 6.89
CA ASP A 20 6.15 -2.68 7.79
C ASP A 20 6.44 -4.06 7.10
N ALA A 21 5.87 -4.33 5.90
CA ALA A 21 6.24 -5.50 5.08
C ALA A 21 7.71 -5.49 4.54
N GLY A 22 8.16 -4.36 3.95
CA GLY A 22 9.52 -4.19 3.40
C GLY A 22 9.49 -3.58 1.98
N MET A 23 8.89 -2.39 1.83
CA MET A 23 8.62 -1.76 0.51
C MET A 23 8.90 -0.22 0.60
N ARG A 24 8.97 0.42 -0.58
CA ARG A 24 9.31 1.88 -0.72
C ARG A 24 8.11 2.82 -0.43
N PHE A 25 6.98 2.67 -1.15
CA PHE A 25 5.82 3.60 -1.08
C PHE A 25 4.49 2.80 -0.91
N GLY A 26 3.44 3.53 -0.51
CA GLY A 26 2.07 2.98 -0.38
C GLY A 26 1.07 3.84 -1.13
N LYS A 27 0.76 3.45 -2.38
CA LYS A 27 -0.16 4.20 -3.28
C LYS A 27 -1.37 3.27 -3.54
N CYS A 28 -2.57 3.69 -3.09
CA CYS A 28 -3.76 2.80 -3.10
C CYS A 28 -4.63 2.97 -4.37
N MET A 29 -4.93 1.82 -5.00
CA MET A 29 -5.95 1.72 -6.08
C MET A 29 -7.37 1.58 -5.43
N ASN A 30 -8.42 1.31 -6.24
CA ASN A 30 -9.85 1.33 -5.79
C ASN A 30 -10.14 0.29 -4.66
N ARG A 31 -10.19 0.81 -3.42
CA ARG A 31 -10.35 0.02 -2.16
C ARG A 31 -9.19 -0.97 -1.77
N LYS A 32 -8.03 -1.04 -2.48
CA LYS A 32 -6.96 -2.03 -2.16
C LYS A 32 -5.55 -1.44 -2.44
N CYS A 33 -4.64 -1.62 -1.46
CA CYS A 33 -3.25 -1.09 -1.50
C CYS A 33 -2.34 -1.70 -2.59
N HIS A 34 -1.54 -0.85 -3.26
CA HIS A 34 -0.47 -1.29 -4.20
C HIS A 34 0.87 -0.66 -3.71
N CYS A 35 1.77 -1.52 -3.20
CA CYS A 35 3.10 -1.10 -2.71
C CYS A 35 4.16 -1.07 -3.84
N THR A 36 5.03 -0.04 -3.85
CA THR A 36 6.19 0.04 -4.79
C THR A 36 7.34 -0.81 -4.15
N PRO A 37 7.84 -1.94 -4.72
CA PRO A 37 8.78 -2.85 -3.99
C PRO A 37 10.24 -2.34 -3.84
N LYS A 38 10.87 -2.78 -2.74
CA LYS A 38 12.24 -2.35 -2.35
C LYS A 38 13.21 -3.52 -2.54
N GLY A 1 2.31 -1.37 -7.85
CA GLY A 1 3.28 -2.46 -8.07
C GLY A 1 2.74 -3.80 -7.55
N VAL A 2 3.16 -4.20 -6.33
CA VAL A 2 2.81 -5.50 -5.72
C VAL A 2 1.50 -5.30 -4.87
N PRO A 3 0.35 -5.95 -5.15
CA PRO A 3 -0.90 -5.77 -4.35
C PRO A 3 -0.86 -6.52 -2.99
N ILE A 4 -0.90 -5.74 -1.89
CA ILE A 4 -1.10 -6.28 -0.50
C ILE A 4 -2.60 -6.14 -0.14
N ASN A 5 -3.16 -7.15 0.53
CA ASN A 5 -4.61 -7.20 0.89
C ASN A 5 -4.91 -6.33 2.16
N VAL A 6 -5.20 -5.03 1.90
CA VAL A 6 -5.41 -4.01 2.96
C VAL A 6 -6.51 -3.07 2.36
N SER A 7 -7.66 -2.98 3.06
CA SER A 7 -8.81 -2.15 2.61
C SER A 7 -8.58 -0.64 2.91
N CYS A 8 -8.57 0.19 1.84
CA CYS A 8 -8.21 1.63 1.95
C CYS A 8 -9.41 2.58 2.18
N THR A 9 -9.10 3.72 2.80
CA THR A 9 -10.00 4.89 2.92
C THR A 9 -9.12 6.13 2.53
N GLY A 10 -8.74 6.22 1.24
CA GLY A 10 -7.74 7.20 0.75
C GLY A 10 -6.35 6.57 0.45
N SER A 11 -5.59 7.24 -0.43
CA SER A 11 -4.20 6.85 -0.79
C SER A 11 -3.11 6.86 0.35
N PRO A 12 -2.97 7.82 1.33
CA PRO A 12 -1.94 7.72 2.41
C PRO A 12 -2.10 6.60 3.49
N GLN A 13 -3.28 5.98 3.60
CA GLN A 13 -3.52 4.77 4.45
C GLN A 13 -2.59 3.54 4.20
N CYS A 14 -2.24 3.26 2.92
CA CYS A 14 -1.30 2.17 2.55
C CYS A 14 0.22 2.37 2.86
N ILE A 15 0.70 3.59 3.18
CA ILE A 15 2.16 3.89 3.38
C ILE A 15 2.78 3.10 4.59
N LYS A 16 2.17 3.14 5.79
CA LYS A 16 2.64 2.34 6.96
C LYS A 16 2.53 0.79 6.72
N PRO A 17 1.39 0.13 6.30
CA PRO A 17 1.38 -1.30 5.87
C PRO A 17 2.45 -1.78 4.84
N CYS A 18 2.72 -0.98 3.78
CA CYS A 18 3.85 -1.21 2.84
C CYS A 18 5.27 -1.17 3.50
N LYS A 19 5.56 -0.17 4.36
CA LYS A 19 6.84 -0.06 5.11
C LYS A 19 7.13 -1.27 6.05
N ASP A 20 6.20 -1.64 6.95
CA ASP A 20 6.34 -2.85 7.81
C ASP A 20 6.38 -4.24 7.08
N ALA A 21 5.71 -4.41 5.92
CA ALA A 21 5.86 -5.62 5.06
C ALA A 21 7.28 -5.77 4.42
N GLY A 22 7.74 -4.76 3.68
CA GLY A 22 9.10 -4.73 3.07
C GLY A 22 9.17 -3.95 1.74
N MET A 23 8.66 -2.69 1.73
CA MET A 23 8.53 -1.86 0.51
C MET A 23 8.72 -0.35 0.89
N ARG A 24 8.94 0.49 -0.15
CA ARG A 24 9.14 1.96 0.03
C ARG A 24 7.79 2.72 0.21
N PHE A 25 6.95 2.80 -0.84
CA PHE A 25 5.73 3.66 -0.87
C PHE A 25 4.43 2.81 -0.82
N GLY A 26 3.32 3.49 -0.53
CA GLY A 26 1.98 2.88 -0.52
C GLY A 26 0.96 3.78 -1.23
N LYS A 27 0.71 3.46 -2.51
CA LYS A 27 -0.29 4.18 -3.36
C LYS A 27 -1.50 3.23 -3.58
N CYS A 28 -2.70 3.69 -3.22
CA CYS A 28 -3.89 2.81 -3.19
C CYS A 28 -4.82 2.99 -4.42
N MET A 29 -5.21 1.84 -5.00
CA MET A 29 -6.28 1.78 -6.04
C MET A 29 -7.68 1.69 -5.33
N ASN A 30 -8.76 1.33 -6.05
CA ASN A 30 -10.17 1.39 -5.53
C ASN A 30 -10.39 0.41 -4.35
N ARG A 31 -10.31 0.97 -3.12
CA ARG A 31 -10.30 0.24 -1.82
C ARG A 31 -9.18 -0.86 -1.64
N LYS A 32 -8.06 -0.85 -2.40
CA LYS A 32 -7.06 -1.97 -2.39
C LYS A 32 -5.63 -1.40 -2.52
N CYS A 33 -4.76 -1.66 -1.53
CA CYS A 33 -3.37 -1.15 -1.49
C CYS A 33 -2.43 -1.77 -2.57
N HIS A 34 -1.57 -0.91 -3.18
CA HIS A 34 -0.52 -1.35 -4.13
C HIS A 34 0.81 -0.69 -3.66
N CYS A 35 1.74 -1.52 -3.15
CA CYS A 35 3.08 -1.06 -2.70
C CYS A 35 4.10 -0.90 -3.87
N THR A 36 5.16 -0.10 -3.62
CA THR A 36 6.27 0.09 -4.58
C THR A 36 7.55 -0.54 -3.94
N PRO A 37 8.02 -1.78 -4.30
CA PRO A 37 9.17 -2.44 -3.63
C PRO A 37 10.54 -1.71 -3.58
N LYS A 38 11.35 -2.08 -2.58
CA LYS A 38 12.72 -1.55 -2.38
C LYS A 38 13.72 -2.27 -3.32
N GLY A 1 4.36 -1.21 -8.23
CA GLY A 1 3.10 -1.31 -7.46
C GLY A 1 2.49 -2.72 -7.56
N VAL A 2 2.87 -3.60 -6.62
CA VAL A 2 2.33 -4.98 -6.50
C VAL A 2 1.14 -5.01 -5.48
N PRO A 3 -0.03 -5.67 -5.73
CA PRO A 3 -1.21 -5.60 -4.83
C PRO A 3 -1.07 -6.42 -3.51
N ILE A 4 -1.20 -5.72 -2.37
CA ILE A 4 -1.31 -6.35 -1.02
C ILE A 4 -2.80 -6.18 -0.56
N ASN A 5 -3.37 -7.21 0.10
CA ASN A 5 -4.79 -7.20 0.54
C ASN A 5 -4.98 -6.39 1.85
N VAL A 6 -5.24 -5.08 1.69
CA VAL A 6 -5.38 -4.11 2.82
C VAL A 6 -6.48 -3.12 2.33
N SER A 7 -7.61 -3.05 3.06
CA SER A 7 -8.77 -2.21 2.69
C SER A 7 -8.51 -0.70 2.99
N CYS A 8 -8.56 0.13 1.93
CA CYS A 8 -8.21 1.57 2.04
C CYS A 8 -9.41 2.52 2.29
N THR A 9 -9.08 3.67 2.89
CA THR A 9 -9.99 4.85 3.02
C THR A 9 -9.10 6.08 2.66
N GLY A 10 -8.73 6.19 1.36
CA GLY A 10 -7.73 7.17 0.88
C GLY A 10 -6.34 6.53 0.60
N SER A 11 -5.56 7.19 -0.27
CA SER A 11 -4.15 6.78 -0.59
C SER A 11 -3.11 6.88 0.58
N PRO A 12 -3.05 7.92 1.49
CA PRO A 12 -2.18 7.89 2.71
C PRO A 12 -2.28 6.70 3.72
N GLN A 13 -3.42 5.96 3.74
CA GLN A 13 -3.60 4.72 4.55
C GLN A 13 -2.60 3.56 4.24
N CYS A 14 -2.21 3.34 2.96
CA CYS A 14 -1.22 2.30 2.57
C CYS A 14 0.29 2.57 2.90
N ILE A 15 0.69 3.78 3.33
CA ILE A 15 2.12 4.13 3.66
C ILE A 15 2.72 3.25 4.79
N LYS A 16 2.09 3.18 6.00
CA LYS A 16 2.56 2.30 7.10
C LYS A 16 2.49 0.76 6.75
N PRO A 17 1.40 0.11 6.24
CA PRO A 17 1.43 -1.29 5.72
C PRO A 17 2.57 -1.68 4.72
N CYS A 18 2.91 -0.80 3.77
CA CYS A 18 4.07 -0.97 2.85
C CYS A 18 5.45 -1.01 3.57
N LYS A 19 5.79 0.02 4.39
CA LYS A 19 7.04 0.06 5.21
C LYS A 19 7.18 -1.10 6.24
N ASP A 20 6.12 -1.40 7.03
CA ASP A 20 6.06 -2.55 7.97
C ASP A 20 6.29 -3.96 7.31
N ALA A 21 5.71 -4.24 6.11
CA ALA A 21 6.01 -5.47 5.34
C ALA A 21 7.48 -5.58 4.80
N GLY A 22 7.99 -4.50 4.18
CA GLY A 22 9.36 -4.43 3.61
C GLY A 22 9.37 -3.89 2.16
N MET A 23 8.79 -2.70 1.95
CA MET A 23 8.54 -2.10 0.61
C MET A 23 8.65 -0.55 0.72
N ARG A 24 8.81 0.11 -0.45
CA ARG A 24 9.15 1.56 -0.53
C ARG A 24 7.91 2.48 -0.33
N PHE A 25 6.99 2.55 -1.31
CA PHE A 25 5.86 3.52 -1.33
C PHE A 25 4.51 2.79 -1.10
N GLY A 26 3.47 3.58 -0.82
CA GLY A 26 2.10 3.06 -0.59
C GLY A 26 1.05 3.94 -1.28
N LYS A 27 0.72 3.59 -2.53
CA LYS A 27 -0.32 4.28 -3.33
C LYS A 27 -1.51 3.30 -3.50
N CYS A 28 -2.71 3.72 -3.09
CA CYS A 28 -3.90 2.83 -3.09
C CYS A 28 -4.78 3.01 -4.35
N MET A 29 -5.15 1.87 -4.96
CA MET A 29 -6.17 1.81 -6.03
C MET A 29 -7.59 1.62 -5.36
N ASN A 30 -8.62 1.23 -6.13
CA ASN A 30 -10.05 1.21 -5.67
C ASN A 30 -10.28 0.24 -4.47
N ARG A 31 -10.30 0.82 -3.26
CA ARG A 31 -10.33 0.11 -1.95
C ARG A 31 -9.18 -0.92 -1.66
N LYS A 32 -8.04 -0.93 -2.40
CA LYS A 32 -7.00 -2.00 -2.27
C LYS A 32 -5.59 -1.39 -2.45
N CYS A 33 -4.70 -1.60 -1.45
CA CYS A 33 -3.32 -1.07 -1.45
C CYS A 33 -2.40 -1.68 -2.55
N HIS A 34 -1.57 -0.82 -3.18
CA HIS A 34 -0.49 -1.27 -4.11
C HIS A 34 0.84 -0.68 -3.54
N CYS A 35 1.67 -1.58 -2.98
CA CYS A 35 3.00 -1.23 -2.44
C CYS A 35 4.10 -1.40 -3.52
N THR A 36 4.99 -0.38 -3.66
CA THR A 36 6.09 -0.41 -4.67
C THR A 36 7.26 -1.28 -4.06
N PRO A 37 7.66 -2.47 -4.62
CA PRO A 37 8.60 -3.40 -3.93
C PRO A 37 10.07 -2.92 -3.88
N LYS A 38 10.73 -3.17 -2.73
CA LYS A 38 12.15 -2.81 -2.51
C LYS A 38 13.07 -3.86 -3.17
N GLY A 1 3.71 -1.91 -8.59
CA GLY A 1 2.46 -1.95 -7.81
C GLY A 1 2.00 -3.38 -7.51
N VAL A 2 2.57 -3.99 -6.45
CA VAL A 2 2.22 -5.37 -6.00
C VAL A 2 1.11 -5.27 -4.89
N PRO A 3 -0.09 -5.89 -5.00
CA PRO A 3 -1.19 -5.68 -4.02
C PRO A 3 -1.06 -6.50 -2.70
N ILE A 4 -1.27 -5.80 -1.57
CA ILE A 4 -1.41 -6.43 -0.22
C ILE A 4 -2.92 -6.35 0.21
N ASN A 5 -3.29 -7.23 1.17
CA ASN A 5 -4.69 -7.30 1.69
C ASN A 5 -4.97 -6.20 2.77
N VAL A 6 -5.27 -4.98 2.29
CA VAL A 6 -5.52 -3.78 3.13
C VAL A 6 -6.62 -2.99 2.36
N SER A 7 -7.82 -2.88 2.95
CA SER A 7 -8.96 -2.14 2.35
C SER A 7 -8.86 -0.63 2.68
N CYS A 8 -8.71 0.20 1.64
CA CYS A 8 -8.37 1.64 1.80
C CYS A 8 -9.59 2.63 1.80
N THR A 9 -9.32 3.79 2.43
CA THR A 9 -10.19 5.00 2.36
C THR A 9 -9.57 5.96 1.27
N GLY A 10 -8.24 6.22 1.33
CA GLY A 10 -7.47 6.91 0.28
C GLY A 10 -6.04 6.32 0.21
N SER A 11 -5.06 7.14 -0.24
CA SER A 11 -3.63 6.71 -0.30
C SER A 11 -2.91 6.50 1.09
N PRO A 12 -3.05 7.30 2.19
CA PRO A 12 -2.34 7.07 3.48
C PRO A 12 -2.48 5.70 4.23
N GLN A 13 -3.63 5.00 4.14
CA GLN A 13 -3.81 3.65 4.77
C GLN A 13 -2.88 2.51 4.25
N CYS A 14 -2.37 2.56 2.99
CA CYS A 14 -1.35 1.61 2.49
C CYS A 14 0.14 1.95 2.85
N ILE A 15 0.52 3.22 3.11
CA ILE A 15 1.93 3.66 3.31
C ILE A 15 2.60 2.98 4.55
N LYS A 16 2.00 3.07 5.76
CA LYS A 16 2.55 2.41 6.99
C LYS A 16 2.55 0.84 6.89
N PRO A 17 1.45 0.06 6.61
CA PRO A 17 1.51 -1.42 6.35
C PRO A 17 2.59 -1.94 5.34
N CYS A 18 2.71 -1.30 4.16
CA CYS A 18 3.75 -1.63 3.15
C CYS A 18 5.21 -1.33 3.59
N LYS A 19 5.51 -0.13 4.13
CA LYS A 19 6.87 0.22 4.64
C LYS A 19 7.39 -0.70 5.80
N ASP A 20 6.55 -0.99 6.82
CA ASP A 20 6.86 -2.01 7.87
C ASP A 20 7.04 -3.48 7.36
N ALA A 21 6.26 -3.93 6.36
CA ALA A 21 6.46 -5.27 5.71
C ALA A 21 7.81 -5.40 4.95
N GLY A 22 8.11 -4.49 4.01
CA GLY A 22 9.37 -4.46 3.24
C GLY A 22 9.23 -3.77 1.86
N MET A 23 8.71 -2.53 1.85
CA MET A 23 8.43 -1.76 0.60
C MET A 23 8.89 -0.29 0.77
N ARG A 24 8.91 0.47 -0.34
CA ARG A 24 9.20 1.93 -0.34
C ARG A 24 7.89 2.76 -0.17
N PHE A 25 6.94 2.65 -1.12
CA PHE A 25 5.71 3.50 -1.17
C PHE A 25 4.44 2.62 -1.04
N GLY A 26 3.31 3.29 -0.73
CA GLY A 26 1.98 2.66 -0.69
C GLY A 26 0.96 3.54 -1.43
N LYS A 27 0.81 3.31 -2.74
CA LYS A 27 -0.13 4.08 -3.60
C LYS A 27 -1.42 3.24 -3.74
N CYS A 28 -2.52 3.69 -3.10
CA CYS A 28 -3.77 2.91 -3.06
C CYS A 28 -4.74 3.32 -4.19
N MET A 29 -5.16 2.32 -4.98
CA MET A 29 -6.27 2.48 -5.97
C MET A 29 -7.64 2.29 -5.23
N ASN A 30 -8.77 2.15 -5.97
CA ASN A 30 -10.15 2.15 -5.40
C ASN A 30 -10.38 0.98 -4.40
N ARG A 31 -10.29 1.32 -3.10
CA ARG A 31 -10.36 0.37 -1.95
C ARG A 31 -9.23 -0.72 -1.86
N LYS A 32 -8.12 -0.68 -2.64
CA LYS A 32 -7.11 -1.79 -2.66
C LYS A 32 -5.68 -1.23 -2.87
N CYS A 33 -4.77 -1.61 -1.96
CA CYS A 33 -3.34 -1.18 -1.99
C CYS A 33 -2.52 -1.65 -3.23
N HIS A 34 -1.57 -0.81 -3.70
CA HIS A 34 -0.58 -1.19 -4.74
C HIS A 34 0.77 -0.53 -4.35
N CYS A 35 1.69 -1.33 -3.79
CA CYS A 35 2.96 -0.83 -3.19
C CYS A 35 4.19 -1.06 -4.10
N THR A 36 5.17 -0.15 -4.00
CA THR A 36 6.42 -0.19 -4.82
C THR A 36 7.53 -0.90 -3.99
N PRO A 37 8.06 -2.12 -4.30
CA PRO A 37 9.03 -2.83 -3.42
C PRO A 37 10.43 -2.18 -3.21
N LYS A 38 11.08 -2.55 -2.09
CA LYS A 38 12.41 -2.06 -1.71
C LYS A 38 13.45 -3.17 -1.97
N GLY A 1 3.55 -1.29 -8.95
CA GLY A 1 2.22 -1.78 -8.52
C GLY A 1 2.35 -2.79 -7.38
N VAL A 2 2.12 -4.08 -7.68
CA VAL A 2 2.24 -5.23 -6.72
C VAL A 2 1.10 -5.13 -5.63
N PRO A 3 -0.11 -5.76 -5.77
CA PRO A 3 -1.21 -5.59 -4.80
C PRO A 3 -1.07 -6.42 -3.49
N ILE A 4 -1.23 -5.74 -2.34
CA ILE A 4 -1.36 -6.38 -1.00
C ILE A 4 -2.84 -6.19 -0.54
N ASN A 5 -3.39 -7.21 0.16
CA ASN A 5 -4.82 -7.20 0.61
C ASN A 5 -4.99 -6.36 1.92
N VAL A 6 -5.23 -5.05 1.75
CA VAL A 6 -5.37 -4.08 2.86
C VAL A 6 -6.46 -3.07 2.37
N SER A 7 -7.57 -2.97 3.12
CA SER A 7 -8.73 -2.13 2.73
C SER A 7 -8.48 -0.61 2.97
N CYS A 8 -8.52 0.18 1.89
CA CYS A 8 -8.17 1.62 1.94
C CYS A 8 -9.37 2.59 2.10
N THR A 9 -9.05 3.76 2.69
CA THR A 9 -9.95 4.94 2.73
C THR A 9 -9.02 6.15 2.37
N GLY A 10 -8.61 6.22 1.08
CA GLY A 10 -7.55 7.15 0.60
C GLY A 10 -6.16 6.50 0.42
N SER A 11 -5.32 7.15 -0.40
CA SER A 11 -3.90 6.73 -0.61
C SER A 11 -2.96 6.84 0.64
N PRO A 12 -2.96 7.86 1.55
CA PRO A 12 -2.18 7.84 2.83
C PRO A 12 -2.32 6.64 3.82
N GLN A 13 -3.44 5.88 3.76
CA GLN A 13 -3.64 4.63 4.54
C GLN A 13 -2.62 3.48 4.26
N CYS A 14 -2.20 3.26 3.00
CA CYS A 14 -1.19 2.24 2.63
C CYS A 14 0.30 2.52 2.98
N ILE A 15 0.70 3.74 3.43
CA ILE A 15 2.10 4.11 3.74
C ILE A 15 2.74 3.22 4.86
N LYS A 16 2.13 3.14 6.06
CA LYS A 16 2.60 2.25 7.16
C LYS A 16 2.52 0.72 6.81
N PRO A 17 1.42 0.07 6.30
CA PRO A 17 1.45 -1.33 5.77
C PRO A 17 2.56 -1.72 4.75
N CYS A 18 2.88 -0.82 3.78
CA CYS A 18 4.03 -1.00 2.84
C CYS A 18 5.42 -1.03 3.54
N LYS A 19 5.76 -0.02 4.36
CA LYS A 19 7.03 0.02 5.15
C LYS A 19 7.20 -1.15 6.18
N ASP A 20 6.15 -1.46 6.97
CA ASP A 20 6.13 -2.62 7.91
C ASP A 20 6.34 -4.02 7.24
N ALA A 21 5.74 -4.29 6.05
CA ALA A 21 6.02 -5.51 5.25
C ALA A 21 7.48 -5.60 4.69
N GLY A 22 7.97 -4.52 4.03
CA GLY A 22 9.33 -4.44 3.46
C GLY A 22 9.32 -3.85 2.03
N MET A 23 8.75 -2.63 1.87
CA MET A 23 8.57 -1.96 0.55
C MET A 23 8.61 -0.41 0.78
N ARG A 24 8.73 0.36 -0.34
CA ARG A 24 8.98 1.82 -0.29
C ARG A 24 7.65 2.64 -0.14
N PHE A 25 6.85 2.74 -1.21
CA PHE A 25 5.67 3.66 -1.27
C PHE A 25 4.35 2.90 -1.05
N GLY A 26 3.31 3.66 -0.68
CA GLY A 26 1.94 3.13 -0.50
C GLY A 26 0.94 3.94 -1.34
N LYS A 27 0.75 3.50 -2.59
CA LYS A 27 -0.21 4.12 -3.54
C LYS A 27 -1.43 3.20 -3.65
N CYS A 28 -2.63 3.68 -3.26
CA CYS A 28 -3.83 2.81 -3.19
C CYS A 28 -4.81 3.01 -4.38
N MET A 29 -5.19 1.88 -4.98
CA MET A 29 -6.30 1.83 -6.00
C MET A 29 -7.67 1.68 -5.25
N ASN A 30 -8.77 1.42 -5.98
CA ASN A 30 -10.16 1.43 -5.43
C ASN A 30 -10.35 0.34 -4.34
N ARG A 31 -10.35 0.80 -3.06
CA ARG A 31 -10.38 -0.05 -1.84
C ARG A 31 -9.18 -1.03 -1.60
N LYS A 32 -8.07 -1.02 -2.37
CA LYS A 32 -7.01 -2.08 -2.28
C LYS A 32 -5.60 -1.44 -2.47
N CYS A 33 -4.71 -1.66 -1.48
CA CYS A 33 -3.32 -1.14 -1.49
C CYS A 33 -2.41 -1.75 -2.60
N HIS A 34 -1.51 -0.91 -3.16
CA HIS A 34 -0.43 -1.36 -4.07
C HIS A 34 0.90 -0.79 -3.49
N CYS A 35 1.74 -1.69 -2.95
CA CYS A 35 3.05 -1.32 -2.37
C CYS A 35 4.18 -1.45 -3.43
N THR A 36 4.99 -0.38 -3.61
CA THR A 36 6.05 -0.32 -4.64
C THR A 36 7.34 -1.02 -4.07
N PRO A 37 7.87 -2.17 -4.60
CA PRO A 37 9.00 -2.91 -3.97
C PRO A 37 10.35 -2.15 -3.83
N LYS A 38 11.10 -2.47 -2.76
CA LYS A 38 12.43 -1.87 -2.48
C LYS A 38 13.56 -2.60 -3.25
N GLY A 1 3.50 -2.28 -8.47
CA GLY A 1 2.26 -3.09 -8.38
C GLY A 1 2.19 -3.82 -7.02
N VAL A 2 2.46 -5.14 -7.05
CA VAL A 2 2.50 -6.04 -5.84
C VAL A 2 1.36 -5.79 -4.78
N PRO A 3 0.09 -6.28 -4.93
CA PRO A 3 -1.01 -5.92 -4.01
C PRO A 3 -0.97 -6.64 -2.63
N ILE A 4 -1.02 -5.84 -1.55
CA ILE A 4 -1.21 -6.35 -0.17
C ILE A 4 -2.71 -6.23 0.21
N ASN A 5 -3.20 -7.14 1.09
CA ASN A 5 -4.62 -7.18 1.51
C ASN A 5 -4.92 -6.16 2.66
N VAL A 6 -5.18 -4.90 2.26
CA VAL A 6 -5.44 -3.76 3.18
C VAL A 6 -6.52 -2.91 2.44
N SER A 7 -7.72 -2.81 3.04
CA SER A 7 -8.87 -2.08 2.43
C SER A 7 -8.77 -0.55 2.70
N CYS A 8 -8.77 0.25 1.61
CA CYS A 8 -8.51 1.71 1.70
C CYS A 8 -9.74 2.63 1.57
N THR A 9 -9.58 3.84 2.15
CA THR A 9 -10.47 5.00 1.97
C THR A 9 -9.77 6.00 0.96
N GLY A 10 -8.44 6.24 1.09
CA GLY A 10 -7.62 6.97 0.10
C GLY A 10 -6.17 6.41 0.06
N SER A 11 -5.24 7.20 -0.51
CA SER A 11 -3.79 6.85 -0.57
C SER A 11 -3.03 6.78 0.80
N PRO A 12 -3.19 7.68 1.84
CA PRO A 12 -2.51 7.54 3.17
C PRO A 12 -2.63 6.22 3.99
N GLN A 13 -3.71 5.43 3.80
CA GLN A 13 -3.90 4.11 4.50
C GLN A 13 -2.79 3.05 4.26
N CYS A 14 -2.32 2.87 3.01
CA CYS A 14 -1.26 1.89 2.66
C CYS A 14 0.22 2.24 3.03
N ILE A 15 0.55 3.51 3.40
CA ILE A 15 1.95 3.98 3.64
C ILE A 15 2.72 3.14 4.71
N LYS A 16 2.22 3.05 5.97
CA LYS A 16 2.84 2.22 7.02
C LYS A 16 2.75 0.68 6.74
N PRO A 17 1.61 -0.01 6.43
CA PRO A 17 1.60 -1.44 5.98
C PRO A 17 2.62 -1.88 4.88
N CYS A 18 2.76 -1.08 3.79
CA CYS A 18 3.83 -1.26 2.77
C CYS A 18 5.29 -1.13 3.33
N LYS A 19 5.59 -0.09 4.13
CA LYS A 19 6.93 0.13 4.74
C LYS A 19 7.38 -1.01 5.73
N ASP A 20 6.53 -1.40 6.69
CA ASP A 20 6.80 -2.54 7.61
C ASP A 20 6.84 -3.97 6.95
N ALA A 21 6.07 -4.24 5.87
CA ALA A 21 6.16 -5.52 5.11
C ALA A 21 7.51 -5.72 4.37
N GLY A 22 7.91 -4.78 3.50
CA GLY A 22 9.21 -4.79 2.80
C GLY A 22 9.25 -3.98 1.48
N MET A 23 8.73 -2.73 1.50
CA MET A 23 8.62 -1.85 0.32
C MET A 23 8.90 -0.37 0.74
N ARG A 24 8.88 0.54 -0.25
CA ARG A 24 9.14 1.99 -0.05
C ARG A 24 7.80 2.76 0.16
N PHE A 25 7.00 2.98 -0.91
CA PHE A 25 5.73 3.75 -0.83
C PHE A 25 4.50 2.80 -0.74
N GLY A 26 3.36 3.37 -0.30
CA GLY A 26 2.05 2.70 -0.31
C GLY A 26 1.04 3.53 -1.12
N LYS A 27 0.87 3.17 -2.39
CA LYS A 27 0.02 3.93 -3.35
C LYS A 27 -1.29 3.11 -3.54
N CYS A 28 -2.42 3.63 -3.03
CA CYS A 28 -3.68 2.84 -2.99
C CYS A 28 -4.63 3.16 -4.16
N MET A 29 -5.05 2.10 -4.86
CA MET A 29 -6.14 2.15 -5.87
C MET A 29 -7.52 2.10 -5.12
N ASN A 30 -8.66 2.10 -5.86
CA ASN A 30 -10.03 2.18 -5.28
C ASN A 30 -10.35 0.96 -4.36
N ARG A 31 -10.25 1.19 -3.04
CA ARG A 31 -10.38 0.17 -1.97
C ARG A 31 -9.24 -0.91 -1.85
N LYS A 32 -8.16 -0.91 -2.67
CA LYS A 32 -7.12 -1.99 -2.63
C LYS A 32 -5.70 -1.35 -2.66
N CYS A 33 -4.85 -1.71 -1.67
CA CYS A 33 -3.43 -1.26 -1.61
C CYS A 33 -2.52 -1.85 -2.71
N HIS A 34 -1.61 -1.01 -3.26
CA HIS A 34 -0.55 -1.46 -4.19
C HIS A 34 0.78 -0.82 -3.73
N CYS A 35 1.67 -1.63 -3.13
CA CYS A 35 2.99 -1.17 -2.66
C CYS A 35 4.00 -0.95 -3.83
N THR A 36 4.93 0.00 -3.65
CA THR A 36 5.98 0.33 -4.65
C THR A 36 7.34 -0.17 -4.04
N PRO A 37 7.98 -1.31 -4.48
CA PRO A 37 9.24 -1.82 -3.88
C PRO A 37 10.45 -0.84 -3.85
N LYS A 38 11.36 -1.06 -2.89
CA LYS A 38 12.56 -0.20 -2.67
C LYS A 38 13.69 -0.63 -3.65
#